data_2EBV
#
_entry.id   2EBV
#
loop_
_entity.id
_entity.type
_entity.pdbx_description
1 polymer 'Nuclear pore complex protein Nup153'
2 non-polymer 'ZINC ION'
#
_entity_poly.entity_id   1
_entity_poly.type   'polypeptide(L)'
_entity_poly.pdbx_seq_one_letter_code
;GSSGSSGSSSSCTVTTGTLGFGDKFKRPIGSWECSVCCVSNNAEDNKCVSCMSEKPG
;
_entity_poly.pdbx_strand_id   A
#
loop_
_chem_comp.id
_chem_comp.type
_chem_comp.name
_chem_comp.formula
ZN non-polymer 'ZINC ION' 'Zn 2'
#
# COMPACT_ATOMS: atom_id res chain seq x y z
N GLY A 1 -30.02 -23.88 -14.12
CA GLY A 1 -29.17 -25.04 -13.93
C GLY A 1 -28.56 -25.53 -15.23
N SER A 2 -27.28 -25.89 -15.17
CA SER A 2 -26.57 -26.36 -16.36
C SER A 2 -25.74 -27.60 -16.03
N SER A 3 -25.79 -28.59 -16.92
CA SER A 3 -25.04 -29.83 -16.72
C SER A 3 -23.94 -29.98 -17.77
N GLY A 4 -23.01 -30.88 -17.52
CA GLY A 4 -21.92 -31.11 -18.45
C GLY A 4 -20.56 -31.10 -17.77
N SER A 5 -20.50 -31.71 -16.58
CA SER A 5 -19.26 -31.76 -15.83
C SER A 5 -19.34 -32.82 -14.72
N SER A 6 -18.23 -33.02 -14.01
CA SER A 6 -18.17 -34.00 -12.95
C SER A 6 -18.44 -33.34 -11.59
N GLY A 7 -19.58 -33.66 -11.00
CA GLY A 7 -19.93 -33.09 -9.70
C GLY A 7 -20.23 -31.61 -9.79
N SER A 8 -21.30 -31.18 -9.14
CA SER A 8 -21.69 -29.78 -9.15
C SER A 8 -20.61 -28.91 -8.52
N SER A 9 -20.00 -28.04 -9.32
CA SER A 9 -18.94 -27.16 -8.85
C SER A 9 -19.26 -25.71 -9.19
N SER A 10 -19.72 -24.96 -8.19
CA SER A 10 -20.06 -23.56 -8.38
C SER A 10 -18.81 -22.69 -8.46
N SER A 11 -18.81 -21.75 -9.40
CA SER A 11 -17.67 -20.86 -9.58
C SER A 11 -18.06 -19.41 -9.29
N CYS A 12 -17.06 -18.57 -9.06
CA CYS A 12 -17.28 -17.16 -8.77
C CYS A 12 -16.89 -16.29 -9.94
N THR A 13 -15.80 -16.67 -10.61
CA THR A 13 -15.32 -15.91 -11.76
C THR A 13 -16.35 -15.88 -12.88
N VAL A 14 -16.35 -14.80 -13.66
CA VAL A 14 -17.29 -14.64 -14.76
C VAL A 14 -16.82 -15.38 -15.99
N THR A 15 -17.59 -16.37 -16.43
CA THR A 15 -17.25 -17.17 -17.60
C THR A 15 -17.36 -16.33 -18.87
N THR A 16 -16.53 -16.66 -19.87
CA THR A 16 -16.53 -15.93 -21.13
C THR A 16 -16.41 -14.44 -20.91
N GLY A 17 -15.57 -14.05 -19.96
CA GLY A 17 -15.39 -12.63 -19.67
C GLY A 17 -14.64 -12.40 -18.36
N THR A 18 -13.37 -12.00 -18.48
CA THR A 18 -12.55 -11.75 -17.30
C THR A 18 -12.32 -10.26 -17.09
N LEU A 19 -12.35 -9.83 -15.84
CA LEU A 19 -12.14 -8.43 -15.51
C LEU A 19 -10.96 -8.25 -14.57
N GLY A 20 -10.64 -7.00 -14.26
CA GLY A 20 -9.52 -6.72 -13.37
C GLY A 20 -9.86 -5.66 -12.34
N PHE A 21 -9.27 -5.78 -11.15
CA PHE A 21 -9.51 -4.82 -10.08
C PHE A 21 -10.99 -4.77 -9.71
N GLY A 22 -11.61 -5.95 -9.64
CA GLY A 22 -13.03 -6.01 -9.30
C GLY A 22 -13.40 -5.08 -8.17
N ASP A 23 -12.52 -4.99 -7.18
CA ASP A 23 -12.76 -4.13 -6.02
C ASP A 23 -11.60 -3.15 -5.82
N LYS A 24 -11.79 -2.20 -4.91
CA LYS A 24 -10.76 -1.20 -4.62
C LYS A 24 -9.80 -1.71 -3.54
N PHE A 25 -8.61 -1.11 -3.49
CA PHE A 25 -7.60 -1.50 -2.51
C PHE A 25 -6.95 -0.27 -1.89
N LYS A 26 -7.18 -0.09 -0.59
CA LYS A 26 -6.62 1.05 0.13
C LYS A 26 -5.10 0.95 0.20
N ARG A 27 -4.42 1.89 -0.45
CA ARG A 27 -2.96 1.90 -0.46
C ARG A 27 -2.43 3.32 -0.21
N PRO A 28 -1.30 3.41 0.52
CA PRO A 28 -0.68 4.68 0.85
C PRO A 28 -0.06 5.35 -0.37
N ILE A 29 0.23 6.65 -0.25
CA ILE A 29 0.82 7.40 -1.35
C ILE A 29 2.30 7.06 -1.51
N GLY A 30 3.09 7.31 -0.47
CA GLY A 30 4.51 7.02 -0.51
C GLY A 30 4.78 5.55 -0.78
N SER A 31 4.52 4.71 0.22
CA SER A 31 4.75 3.28 0.09
C SER A 31 3.94 2.70 -1.06
N TRP A 32 4.11 1.39 -1.29
CA TRP A 32 3.40 0.72 -2.38
C TRP A 32 2.85 -0.62 -1.90
N GLU A 33 1.60 -0.90 -2.25
CA GLU A 33 0.96 -2.15 -1.86
C GLU A 33 1.25 -3.26 -2.88
N CYS A 34 1.95 -4.28 -2.44
CA CYS A 34 2.30 -5.41 -3.32
C CYS A 34 1.05 -5.95 -4.01
N SER A 35 1.26 -6.83 -4.99
CA SER A 35 0.16 -7.43 -5.73
C SER A 35 0.13 -8.94 -5.53
N VAL A 36 1.31 -9.55 -5.48
CA VAL A 36 1.43 -10.99 -5.30
C VAL A 36 1.05 -11.40 -3.89
N CYS A 37 1.49 -10.61 -2.91
CA CYS A 37 1.19 -10.89 -1.51
C CYS A 37 0.34 -9.78 -0.91
N CYS A 38 0.38 -8.60 -1.52
CA CYS A 38 -0.37 -7.45 -1.04
C CYS A 38 0.07 -7.06 0.36
N VAL A 39 1.38 -7.01 0.57
CA VAL A 39 1.94 -6.64 1.86
C VAL A 39 2.60 -5.27 1.80
N SER A 40 2.53 -4.54 2.92
CA SER A 40 3.12 -3.21 2.99
C SER A 40 4.60 -3.25 2.67
N ASN A 41 5.07 -2.23 1.95
CA ASN A 41 6.48 -2.16 1.58
C ASN A 41 7.01 -0.74 1.75
N ASN A 42 8.31 -0.56 1.52
CA ASN A 42 8.94 0.75 1.65
C ASN A 42 9.22 1.35 0.28
N ALA A 43 8.70 2.56 0.06
CA ALA A 43 8.90 3.25 -1.21
C ALA A 43 10.33 3.08 -1.71
N GLU A 44 11.30 3.37 -0.85
CA GLU A 44 12.71 3.25 -1.21
C GLU A 44 13.05 1.81 -1.59
N ASP A 45 12.49 0.87 -0.85
CA ASP A 45 12.74 -0.55 -1.10
C ASP A 45 12.26 -0.94 -2.49
N ASN A 46 13.21 -1.33 -3.35
CA ASN A 46 12.88 -1.73 -4.72
C ASN A 46 12.43 -3.19 -4.77
N LYS A 47 12.06 -3.73 -3.61
CA LYS A 47 11.60 -5.11 -3.52
C LYS A 47 10.70 -5.30 -2.31
N CYS A 48 10.04 -6.45 -2.26
CA CYS A 48 9.14 -6.77 -1.15
C CYS A 48 9.90 -7.46 -0.03
N VAL A 49 9.22 -7.67 1.11
CA VAL A 49 9.83 -8.33 2.26
C VAL A 49 9.12 -9.63 2.58
N SER A 50 7.82 -9.69 2.25
CA SER A 50 7.03 -10.88 2.53
C SER A 50 7.22 -11.92 1.42
N CYS A 51 7.28 -11.46 0.18
CA CYS A 51 7.47 -12.34 -0.97
C CYS A 51 8.79 -12.06 -1.66
N MET A 52 9.37 -10.90 -1.38
CA MET A 52 10.64 -10.51 -1.98
C MET A 52 10.51 -10.39 -3.49
N SER A 53 9.46 -9.71 -3.94
CA SER A 53 9.22 -9.53 -5.37
C SER A 53 9.64 -8.13 -5.81
N GLU A 54 10.24 -8.05 -6.99
CA GLU A 54 10.68 -6.76 -7.53
C GLU A 54 9.53 -5.76 -7.58
N LYS A 55 9.80 -4.54 -7.12
CA LYS A 55 8.79 -3.49 -7.10
C LYS A 55 8.40 -3.10 -8.53
N PRO A 56 7.09 -2.96 -8.76
CA PRO A 56 6.55 -2.58 -10.08
C PRO A 56 6.87 -1.14 -10.44
N GLY A 57 7.30 -0.92 -11.67
CA GLY A 57 7.63 0.41 -12.12
C GLY A 57 9.05 0.82 -11.76
ZN ZN B . 5.03 -8.90 -1.83
N GLY A 1 -22.18 -19.83 9.48
CA GLY A 1 -23.00 -20.46 8.47
C GLY A 1 -23.26 -19.57 7.27
N SER A 2 -24.52 -19.48 6.87
CA SER A 2 -24.91 -18.65 5.73
C SER A 2 -24.07 -19.00 4.50
N SER A 3 -23.85 -20.29 4.29
CA SER A 3 -23.07 -20.76 3.16
C SER A 3 -23.63 -22.06 2.59
N GLY A 4 -24.34 -21.94 1.47
CA GLY A 4 -24.92 -23.11 0.84
C GLY A 4 -26.33 -22.84 0.31
N SER A 5 -26.99 -23.90 -0.15
CA SER A 5 -28.34 -23.77 -0.69
C SER A 5 -29.36 -24.44 0.22
N SER A 6 -30.45 -23.75 0.50
CA SER A 6 -31.50 -24.27 1.37
C SER A 6 -32.77 -24.54 0.57
N GLY A 7 -33.59 -25.47 1.06
CA GLY A 7 -34.82 -25.81 0.39
C GLY A 7 -35.86 -24.69 0.49
N SER A 8 -36.24 -24.36 1.72
CA SER A 8 -37.23 -23.31 1.95
C SER A 8 -36.88 -22.50 3.20
N SER A 9 -36.63 -21.22 3.01
CA SER A 9 -36.29 -20.33 4.12
C SER A 9 -37.01 -18.99 3.99
N SER A 10 -36.97 -18.20 5.06
CA SER A 10 -37.62 -16.90 5.08
C SER A 10 -37.11 -16.03 3.93
N SER A 11 -37.89 -15.01 3.57
CA SER A 11 -37.53 -14.10 2.49
C SER A 11 -37.38 -12.68 3.00
N CYS A 12 -36.16 -12.17 2.98
CA CYS A 12 -35.89 -10.81 3.46
C CYS A 12 -34.53 -10.32 2.95
N THR A 13 -34.31 -9.01 3.03
CA THR A 13 -33.07 -8.41 2.58
C THR A 13 -32.58 -7.34 3.54
N VAL A 14 -31.28 -7.31 3.79
CA VAL A 14 -30.69 -6.33 4.69
C VAL A 14 -30.72 -4.94 4.08
N THR A 15 -31.38 -4.00 4.76
CA THR A 15 -31.48 -2.63 4.29
C THR A 15 -30.30 -1.80 4.77
N THR A 16 -29.60 -1.16 3.82
CA THR A 16 -28.45 -0.33 4.15
C THR A 16 -28.26 0.77 3.11
N GLY A 17 -27.99 1.98 3.59
CA GLY A 17 -27.79 3.11 2.69
C GLY A 17 -27.52 4.40 3.44
N THR A 18 -26.36 4.49 4.07
CA THR A 18 -25.99 5.68 4.82
C THR A 18 -24.61 6.18 4.42
N LEU A 19 -24.57 7.23 3.61
CA LEU A 19 -23.31 7.80 3.15
C LEU A 19 -22.91 8.99 4.01
N GLY A 20 -21.79 8.85 4.72
CA GLY A 20 -21.32 9.92 5.58
C GLY A 20 -21.05 11.20 4.80
N PHE A 21 -20.11 12.00 5.29
CA PHE A 21 -19.76 13.26 4.64
C PHE A 21 -18.53 13.10 3.76
N GLY A 22 -17.44 12.62 4.35
CA GLY A 22 -16.21 12.43 3.60
C GLY A 22 -15.33 11.35 4.21
N ASP A 23 -15.86 10.13 4.27
CA ASP A 23 -15.11 9.01 4.83
C ASP A 23 -14.13 8.45 3.81
N LYS A 24 -12.85 8.60 4.09
CA LYS A 24 -11.80 8.11 3.20
C LYS A 24 -11.09 6.91 3.81
N PHE A 25 -10.65 5.98 2.95
CA PHE A 25 -9.97 4.79 3.40
C PHE A 25 -8.65 5.15 4.07
N LYS A 26 -8.10 4.21 4.84
CA LYS A 26 -6.84 4.43 5.55
C LYS A 26 -5.74 3.56 4.96
N ARG A 27 -4.78 4.21 4.29
CA ARG A 27 -3.66 3.50 3.68
C ARG A 27 -2.35 4.25 3.90
N PRO A 28 -1.24 3.52 3.92
CA PRO A 28 0.09 4.10 4.12
C PRO A 28 0.55 4.93 2.93
N ILE A 29 0.96 6.16 3.20
CA ILE A 29 1.42 7.06 2.15
C ILE A 29 2.86 6.74 1.74
N GLY A 30 3.16 6.93 0.46
CA GLY A 30 4.50 6.66 -0.02
C GLY A 30 4.74 5.18 -0.29
N SER A 31 4.41 4.35 0.69
CA SER A 31 4.59 2.91 0.55
C SER A 31 3.82 2.38 -0.66
N TRP A 32 4.41 1.41 -1.34
CA TRP A 32 3.79 0.81 -2.52
C TRP A 32 3.07 -0.48 -2.14
N GLU A 33 2.00 -0.78 -2.87
CA GLU A 33 1.23 -2.00 -2.62
C GLU A 33 1.65 -3.12 -3.56
N CYS A 34 2.11 -4.22 -2.99
CA CYS A 34 2.55 -5.37 -3.78
C CYS A 34 1.40 -5.95 -4.58
N SER A 35 1.72 -6.89 -5.48
CA SER A 35 0.71 -7.52 -6.31
C SER A 35 0.62 -9.02 -6.03
N VAL A 36 1.77 -9.63 -5.78
CA VAL A 36 1.83 -11.06 -5.49
C VAL A 36 1.30 -11.36 -4.09
N CYS A 37 1.66 -10.51 -3.13
CA CYS A 37 1.22 -10.67 -1.76
C CYS A 37 0.36 -9.50 -1.31
N CYS A 38 0.46 -8.39 -2.04
CA CYS A 38 -0.31 -7.19 -1.72
C CYS A 38 0.00 -6.70 -0.31
N VAL A 39 1.28 -6.68 0.04
CA VAL A 39 1.72 -6.25 1.37
C VAL A 39 2.45 -4.91 1.28
N SER A 40 2.34 -4.13 2.35
CA SER A 40 2.99 -2.82 2.40
C SER A 40 4.51 -2.98 2.53
N ASN A 41 5.24 -2.00 2.02
CA ASN A 41 6.70 -2.02 2.08
C ASN A 41 7.27 -0.61 2.02
N ASN A 42 8.54 -0.47 2.39
CA ASN A 42 9.20 0.82 2.37
C ASN A 42 9.42 1.31 0.94
N ALA A 43 9.06 2.56 0.69
CA ALA A 43 9.20 3.15 -0.64
C ALA A 43 10.61 2.93 -1.18
N GLU A 44 11.61 3.34 -0.40
CA GLU A 44 13.00 3.19 -0.80
C GLU A 44 13.28 1.76 -1.27
N ASP A 45 12.79 0.79 -0.51
CA ASP A 45 12.99 -0.62 -0.85
C ASP A 45 12.48 -0.92 -2.25
N ASN A 46 13.41 -1.27 -3.14
CA ASN A 46 13.05 -1.59 -4.53
C ASN A 46 12.53 -3.02 -4.65
N LYS A 47 12.17 -3.61 -3.52
CA LYS A 47 11.66 -4.98 -3.49
C LYS A 47 10.84 -5.22 -2.24
N CYS A 48 9.96 -6.22 -2.30
CA CYS A 48 9.10 -6.57 -1.17
C CYS A 48 9.93 -7.19 -0.04
N VAL A 49 9.30 -7.34 1.13
CA VAL A 49 9.98 -7.91 2.29
C VAL A 49 9.29 -9.20 2.73
N SER A 50 7.98 -9.27 2.54
CA SER A 50 7.21 -10.45 2.91
C SER A 50 7.37 -11.56 1.88
N CYS A 51 7.31 -11.18 0.60
CA CYS A 51 7.45 -12.15 -0.48
C CYS A 51 8.76 -11.94 -1.23
N MET A 52 9.34 -10.75 -1.09
CA MET A 52 10.59 -10.42 -1.75
C MET A 52 10.44 -10.51 -3.27
N SER A 53 9.39 -9.89 -3.79
CA SER A 53 9.13 -9.91 -5.23
C SER A 53 9.50 -8.57 -5.85
N GLU A 54 9.91 -8.62 -7.12
CA GLU A 54 10.29 -7.40 -7.85
C GLU A 54 9.18 -6.36 -7.79
N LYS A 55 9.52 -5.15 -7.38
CA LYS A 55 8.56 -4.07 -7.28
C LYS A 55 8.08 -3.63 -8.67
N PRO A 56 6.77 -3.45 -8.82
CA PRO A 56 6.16 -3.03 -10.09
C PRO A 56 6.49 -1.59 -10.45
N GLY A 57 5.94 -1.12 -11.56
CA GLY A 57 6.20 0.24 -11.99
C GLY A 57 5.37 0.64 -13.20
ZN ZN B . 5.07 -8.82 -1.86
N GLY A 1 -9.22 5.37 27.08
CA GLY A 1 -10.18 4.72 26.19
C GLY A 1 -11.15 5.70 25.57
N SER A 2 -10.67 6.51 24.65
CA SER A 2 -11.52 7.50 23.98
C SER A 2 -12.66 6.83 23.22
N SER A 3 -12.29 5.97 22.26
CA SER A 3 -13.27 5.27 21.46
C SER A 3 -13.18 3.77 21.68
N GLY A 4 -14.31 3.12 21.92
CA GLY A 4 -14.34 1.70 22.15
C GLY A 4 -13.89 0.91 20.94
N SER A 5 -12.58 0.70 20.82
CA SER A 5 -12.02 -0.03 19.69
C SER A 5 -10.69 -0.69 20.08
N SER A 6 -10.46 -1.88 19.55
CA SER A 6 -9.24 -2.62 19.83
C SER A 6 -8.87 -3.55 18.68
N GLY A 7 -7.58 -3.81 18.52
CA GLY A 7 -7.12 -4.69 17.46
C GLY A 7 -5.66 -5.05 17.59
N SER A 8 -5.21 -6.01 16.78
CA SER A 8 -3.83 -6.46 16.83
C SER A 8 -2.93 -5.53 16.01
N SER A 9 -1.72 -5.30 16.51
CA SER A 9 -0.77 -4.43 15.83
C SER A 9 0.56 -5.16 15.59
N SER A 10 1.17 -4.88 14.45
CA SER A 10 2.45 -5.50 14.10
C SER A 10 3.53 -5.13 15.11
N SER A 11 4.47 -6.06 15.33
CA SER A 11 5.55 -5.83 16.28
C SER A 11 6.85 -6.43 15.76
N CYS A 12 7.90 -5.62 15.72
CA CYS A 12 9.20 -6.08 15.25
C CYS A 12 10.15 -6.31 16.42
N THR A 13 11.21 -7.08 16.17
CA THR A 13 12.19 -7.38 17.20
C THR A 13 12.91 -6.12 17.66
N VAL A 14 13.46 -5.39 16.70
CA VAL A 14 14.19 -4.15 17.00
C VAL A 14 14.15 -3.20 15.83
N THR A 15 13.90 -1.92 16.10
CA THR A 15 13.84 -0.89 15.06
C THR A 15 15.08 -0.01 15.09
N THR A 16 15.56 0.37 13.91
CA THR A 16 16.73 1.22 13.80
C THR A 16 16.59 2.47 14.64
N GLY A 17 17.43 2.59 15.67
CA GLY A 17 17.37 3.76 16.53
C GLY A 17 17.04 3.40 17.96
N THR A 18 17.02 4.40 18.84
CA THR A 18 16.72 4.19 20.25
C THR A 18 15.24 4.35 20.52
N LEU A 19 14.64 5.36 19.91
CA LEU A 19 13.21 5.63 20.08
C LEU A 19 12.38 4.37 19.81
N GLY A 20 11.08 4.45 20.07
CA GLY A 20 10.20 3.31 19.85
C GLY A 20 9.22 3.56 18.73
N PHE A 21 9.74 3.81 17.53
CA PHE A 21 8.89 4.07 16.37
C PHE A 21 8.03 2.86 16.05
N GLY A 22 6.84 3.10 15.51
CA GLY A 22 5.95 2.02 15.17
C GLY A 22 4.56 2.20 15.77
N ASP A 23 4.52 2.60 17.04
CA ASP A 23 3.25 2.81 17.72
C ASP A 23 2.57 4.10 17.25
N LYS A 24 3.37 5.14 17.06
CA LYS A 24 2.85 6.43 16.61
C LYS A 24 2.58 6.40 15.11
N PHE A 25 2.68 5.22 14.52
CA PHE A 25 2.45 5.06 13.08
C PHE A 25 1.02 5.45 12.71
N LYS A 26 0.88 6.53 11.94
CA LYS A 26 -0.43 7.00 11.51
C LYS A 26 -0.77 6.49 10.12
N ARG A 27 0.08 6.78 9.15
CA ARG A 27 -0.13 6.34 7.79
C ARG A 27 1.16 6.47 6.97
N PRO A 28 1.22 5.73 5.85
CA PRO A 28 2.39 5.74 4.96
C PRO A 28 2.52 7.06 4.20
N ILE A 29 3.74 7.34 3.74
CA ILE A 29 4.00 8.58 3.00
C ILE A 29 3.91 8.34 1.49
N GLY A 30 4.47 7.23 1.04
CA GLY A 30 4.43 6.90 -0.38
C GLY A 30 4.74 5.45 -0.64
N SER A 31 4.16 4.56 0.17
CA SER A 31 4.38 3.13 0.02
C SER A 31 3.78 2.62 -1.30
N TRP A 32 3.95 1.33 -1.55
CA TRP A 32 3.42 0.73 -2.78
C TRP A 32 2.81 -0.65 -2.48
N GLU A 33 1.53 -0.78 -2.78
CA GLU A 33 0.82 -2.03 -2.54
C GLU A 33 1.37 -3.15 -3.43
N CYS A 34 1.99 -4.14 -2.82
CA CYS A 34 2.56 -5.26 -3.55
C CYS A 34 1.50 -5.96 -4.40
N SER A 35 1.95 -6.73 -5.37
CA SER A 35 1.03 -7.45 -6.26
C SER A 35 1.00 -8.94 -5.90
N VAL A 36 2.14 -9.47 -5.49
CA VAL A 36 2.25 -10.88 -5.13
C VAL A 36 1.51 -11.17 -3.82
N CYS A 37 1.95 -10.53 -2.75
CA CYS A 37 1.34 -10.71 -1.44
C CYS A 37 0.49 -9.50 -1.06
N CYS A 38 0.82 -8.35 -1.64
CA CYS A 38 0.08 -7.13 -1.38
C CYS A 38 0.29 -6.68 0.07
N VAL A 39 1.54 -6.67 0.51
CA VAL A 39 1.87 -6.27 1.88
C VAL A 39 2.62 -4.94 1.88
N SER A 40 2.39 -4.15 2.92
CA SER A 40 3.05 -2.85 3.05
C SER A 40 4.56 -3.00 2.90
N ASN A 41 5.17 -2.07 2.17
CA ASN A 41 6.61 -2.09 1.95
C ASN A 41 7.20 -0.69 2.10
N ASN A 42 8.53 -0.60 2.00
CA ASN A 42 9.21 0.69 2.11
C ASN A 42 9.34 1.36 0.75
N ALA A 43 8.79 2.56 0.64
CA ALA A 43 8.83 3.31 -0.61
C ALA A 43 10.20 3.19 -1.26
N GLU A 44 11.25 3.34 -0.46
CA GLU A 44 12.62 3.25 -0.97
C GLU A 44 12.94 1.83 -1.42
N ASP A 45 12.44 0.85 -0.69
CA ASP A 45 12.68 -0.55 -1.01
C ASP A 45 12.16 -0.87 -2.41
N ASN A 46 13.08 -1.20 -3.32
CA ASN A 46 12.72 -1.53 -4.69
C ASN A 46 12.21 -2.97 -4.80
N LYS A 47 11.94 -3.57 -3.65
CA LYS A 47 11.44 -4.94 -3.61
C LYS A 47 10.60 -5.19 -2.36
N CYS A 48 9.93 -6.34 -2.31
CA CYS A 48 9.08 -6.68 -1.18
C CYS A 48 9.87 -7.45 -0.12
N VAL A 49 9.25 -7.66 1.03
CA VAL A 49 9.89 -8.38 2.12
C VAL A 49 9.14 -9.66 2.47
N SER A 50 7.81 -9.59 2.36
CA SER A 50 6.96 -10.74 2.67
C SER A 50 7.14 -11.82 1.61
N CYS A 51 7.18 -11.41 0.35
CA CYS A 51 7.33 -12.34 -0.76
C CYS A 51 8.68 -12.16 -1.45
N MET A 52 9.27 -10.98 -1.26
CA MET A 52 10.57 -10.67 -1.86
C MET A 52 10.47 -10.68 -3.39
N SER A 53 9.42 -10.06 -3.91
CA SER A 53 9.22 -9.99 -5.36
C SER A 53 9.55 -8.61 -5.89
N GLU A 54 9.89 -8.54 -7.17
CA GLU A 54 10.24 -7.28 -7.80
C GLU A 54 9.08 -6.28 -7.69
N LYS A 55 9.44 -5.01 -7.50
CA LYS A 55 8.44 -3.95 -7.37
C LYS A 55 8.00 -3.45 -8.74
N PRO A 56 6.68 -3.29 -8.92
CA PRO A 56 6.10 -2.81 -10.18
C PRO A 56 6.41 -1.34 -10.43
N GLY A 57 6.61 -1.00 -11.70
CA GLY A 57 6.91 0.38 -12.06
C GLY A 57 8.38 0.71 -11.92
ZN ZN B . 4.98 -8.91 -1.64
N GLY A 1 -8.16 19.83 -22.46
CA GLY A 1 -8.90 19.62 -23.69
C GLY A 1 -10.38 19.44 -23.45
N SER A 2 -10.93 18.35 -23.98
CA SER A 2 -12.36 18.07 -23.82
C SER A 2 -13.21 19.24 -24.31
N SER A 3 -12.81 19.82 -25.44
CA SER A 3 -13.53 20.95 -26.01
C SER A 3 -15.03 20.72 -25.98
N GLY A 4 -15.47 19.59 -26.52
CA GLY A 4 -16.89 19.26 -26.53
C GLY A 4 -17.75 20.48 -26.73
N SER A 5 -18.90 20.50 -26.05
CA SER A 5 -19.82 21.62 -26.16
C SER A 5 -19.79 22.49 -24.90
N SER A 6 -19.91 23.80 -25.09
CA SER A 6 -19.88 24.74 -23.97
C SER A 6 -21.26 25.36 -23.76
N GLY A 7 -21.46 25.94 -22.58
CA GLY A 7 -22.73 26.57 -22.27
C GLY A 7 -22.57 27.88 -21.53
N SER A 8 -22.29 27.79 -20.23
CA SER A 8 -22.12 28.98 -19.40
C SER A 8 -20.64 29.34 -19.28
N SER A 9 -20.37 30.55 -18.80
CA SER A 9 -19.00 31.01 -18.64
C SER A 9 -18.24 30.13 -17.66
N SER A 10 -18.73 30.06 -16.42
CA SER A 10 -18.10 29.25 -15.39
C SER A 10 -19.11 28.88 -14.29
N SER A 11 -18.72 27.96 -13.43
CA SER A 11 -19.58 27.52 -12.34
C SER A 11 -18.93 27.79 -10.99
N CYS A 12 -19.72 28.33 -10.06
CA CYS A 12 -19.23 28.64 -8.72
C CYS A 12 -20.20 28.14 -7.66
N THR A 13 -19.66 27.80 -6.49
CA THR A 13 -20.47 27.30 -5.39
C THR A 13 -21.36 26.15 -5.84
N VAL A 14 -20.79 25.25 -6.65
CA VAL A 14 -21.53 24.10 -7.14
C VAL A 14 -21.35 22.89 -6.24
N THR A 15 -20.11 22.68 -5.79
CA THR A 15 -19.80 21.56 -4.91
C THR A 15 -19.20 22.04 -3.60
N THR A 16 -19.68 21.50 -2.49
CA THR A 16 -19.19 21.88 -1.17
C THR A 16 -17.69 21.65 -1.06
N GLY A 17 -17.26 20.42 -1.34
CA GLY A 17 -15.86 20.08 -1.27
C GLY A 17 -15.54 19.15 -0.12
N THR A 18 -14.46 19.44 0.60
CA THR A 18 -14.05 18.62 1.74
C THR A 18 -13.37 19.47 2.81
N LEU A 19 -13.47 19.02 4.05
CA LEU A 19 -12.86 19.73 5.17
C LEU A 19 -12.42 18.76 6.26
N GLY A 20 -11.27 19.05 6.87
CA GLY A 20 -10.75 18.19 7.92
C GLY A 20 -9.56 17.38 7.47
N PHE A 21 -8.59 18.06 6.85
CA PHE A 21 -7.39 17.40 6.37
C PHE A 21 -6.40 17.16 7.51
N GLY A 22 -5.65 16.06 7.42
CA GLY A 22 -4.68 15.74 8.46
C GLY A 22 -4.50 14.25 8.63
N ASP A 23 -3.87 13.85 9.74
CA ASP A 23 -3.64 12.44 10.03
C ASP A 23 -2.83 11.79 8.91
N LYS A 24 -1.83 12.51 8.41
CA LYS A 24 -0.98 12.00 7.33
C LYS A 24 0.19 11.20 7.90
N PHE A 25 0.88 11.78 8.87
CA PHE A 25 2.02 11.11 9.50
C PHE A 25 1.71 9.65 9.79
N LYS A 26 0.58 9.41 10.45
CA LYS A 26 0.16 8.04 10.78
C LYS A 26 0.15 7.16 9.53
N ARG A 27 -0.42 7.69 8.44
CA ARG A 27 -0.50 6.95 7.20
C ARG A 27 0.78 7.10 6.39
N PRO A 28 1.02 6.14 5.47
CA PRO A 28 2.21 6.14 4.62
C PRO A 28 2.19 7.26 3.59
N ILE A 29 3.37 7.68 3.15
CA ILE A 29 3.48 8.75 2.16
C ILE A 29 3.66 8.18 0.76
N GLY A 30 4.78 7.47 0.55
CA GLY A 30 5.05 6.87 -0.73
C GLY A 30 5.08 5.36 -0.69
N SER A 31 4.08 4.77 -0.04
CA SER A 31 4.01 3.32 0.08
C SER A 31 3.48 2.70 -1.21
N TRP A 32 4.04 1.56 -1.58
CA TRP A 32 3.63 0.85 -2.79
C TRP A 32 3.05 -0.52 -2.46
N GLU A 33 1.82 -0.78 -2.90
CA GLU A 33 1.16 -2.05 -2.65
C GLU A 33 1.80 -3.16 -3.49
N CYS A 34 1.91 -4.35 -2.90
CA CYS A 34 2.49 -5.49 -3.59
C CYS A 34 1.45 -6.20 -4.45
N SER A 35 1.92 -7.03 -5.37
CA SER A 35 1.03 -7.77 -6.26
C SER A 35 1.01 -9.25 -5.91
N VAL A 36 2.11 -9.73 -5.34
CA VAL A 36 2.21 -11.13 -4.95
C VAL A 36 1.49 -11.39 -3.63
N CYS A 37 1.90 -10.68 -2.59
CA CYS A 37 1.29 -10.83 -1.27
C CYS A 37 0.41 -9.64 -0.94
N CYS A 38 0.59 -8.55 -1.67
CA CYS A 38 -0.20 -7.34 -1.46
C CYS A 38 0.04 -6.78 -0.06
N VAL A 39 1.30 -6.79 0.37
CA VAL A 39 1.67 -6.29 1.69
C VAL A 39 2.49 -5.01 1.57
N SER A 40 2.17 -4.03 2.41
CA SER A 40 2.88 -2.76 2.41
C SER A 40 4.38 -2.97 2.59
N ASN A 41 5.18 -2.03 2.09
CA ASN A 41 6.63 -2.11 2.20
C ASN A 41 7.25 -0.72 2.22
N ASN A 42 8.57 -0.68 2.37
CA ASN A 42 9.30 0.59 2.40
C ASN A 42 9.42 1.17 1.00
N ALA A 43 9.00 2.42 0.84
CA ALA A 43 9.07 3.10 -0.45
C ALA A 43 10.46 2.96 -1.07
N GLU A 44 11.48 3.29 -0.28
CA GLU A 44 12.86 3.22 -0.75
C GLU A 44 13.16 1.83 -1.31
N ASP A 45 12.69 0.80 -0.62
CA ASP A 45 12.91 -0.58 -1.04
C ASP A 45 12.20 -0.85 -2.37
N ASN A 46 12.98 -1.16 -3.39
CA ASN A 46 12.44 -1.45 -4.72
C ASN A 46 11.96 -2.89 -4.81
N LYS A 47 11.81 -3.53 -3.65
CA LYS A 47 11.35 -4.92 -3.59
C LYS A 47 10.56 -5.18 -2.32
N CYS A 48 9.83 -6.28 -2.30
CA CYS A 48 9.02 -6.65 -1.14
C CYS A 48 9.85 -7.41 -0.11
N VAL A 49 9.31 -7.57 1.09
CA VAL A 49 10.00 -8.27 2.17
C VAL A 49 9.25 -9.52 2.58
N SER A 50 7.93 -9.49 2.41
CA SER A 50 7.08 -10.62 2.78
C SER A 50 7.22 -11.74 1.76
N CYS A 51 7.32 -11.39 0.49
CA CYS A 51 7.46 -12.37 -0.58
C CYS A 51 8.78 -12.19 -1.32
N MET A 52 9.36 -11.00 -1.20
CA MET A 52 10.63 -10.70 -1.85
C MET A 52 10.48 -10.69 -3.37
N SER A 53 9.44 -10.01 -3.85
CA SER A 53 9.18 -9.93 -5.28
C SER A 53 9.59 -8.57 -5.84
N GLU A 54 9.71 -8.49 -7.15
CA GLU A 54 10.09 -7.24 -7.82
C GLU A 54 8.91 -6.26 -7.83
N LYS A 55 9.19 -5.01 -7.47
CA LYS A 55 8.17 -3.97 -7.45
C LYS A 55 7.93 -3.40 -8.85
N PRO A 56 6.66 -3.16 -9.19
CA PRO A 56 6.29 -2.61 -10.50
C PRO A 56 6.70 -1.16 -10.65
N GLY A 57 6.83 -0.72 -11.89
CA GLY A 57 7.22 0.65 -12.15
C GLY A 57 6.41 1.65 -11.36
ZN ZN B . 4.97 -8.98 -1.49
N GLY A 1 -31.30 39.24 18.34
CA GLY A 1 -31.38 38.39 17.17
C GLY A 1 -30.72 37.05 17.38
N SER A 2 -31.52 36.05 17.73
CA SER A 2 -31.01 34.70 17.97
C SER A 2 -31.57 33.71 16.95
N SER A 3 -30.77 32.70 16.60
CA SER A 3 -31.19 31.69 15.64
C SER A 3 -30.78 30.30 16.11
N GLY A 4 -31.38 29.28 15.49
CA GLY A 4 -31.08 27.91 15.86
C GLY A 4 -32.09 26.92 15.30
N SER A 5 -32.07 26.74 13.99
CA SER A 5 -32.99 25.82 13.33
C SER A 5 -32.34 24.46 13.11
N SER A 6 -32.94 23.42 13.68
CA SER A 6 -32.41 22.06 13.54
C SER A 6 -33.55 21.06 13.34
N GLY A 7 -33.20 19.87 12.84
CA GLY A 7 -34.19 18.85 12.61
C GLY A 7 -34.55 18.70 11.14
N SER A 8 -35.56 19.45 10.69
CA SER A 8 -35.99 19.38 9.31
C SER A 8 -34.87 19.83 8.37
N SER A 9 -34.73 19.13 7.24
CA SER A 9 -33.70 19.45 6.27
C SER A 9 -34.19 19.15 4.84
N SER A 10 -33.99 20.12 3.95
CA SER A 10 -34.42 19.97 2.56
C SER A 10 -33.48 19.02 1.82
N SER A 11 -32.21 19.38 1.74
CA SER A 11 -31.22 18.57 1.05
C SER A 11 -30.71 17.45 1.95
N CYS A 12 -30.09 16.44 1.35
CA CYS A 12 -29.56 15.30 2.09
C CYS A 12 -28.59 15.77 3.18
N THR A 13 -28.61 15.09 4.32
CA THR A 13 -27.75 15.43 5.43
C THR A 13 -26.30 15.06 5.13
N VAL A 14 -26.10 13.87 4.59
CA VAL A 14 -24.76 13.40 4.25
C VAL A 14 -24.06 14.36 3.30
N THR A 15 -22.73 14.35 3.31
CA THR A 15 -21.95 15.22 2.44
C THR A 15 -21.70 14.57 1.09
N THR A 16 -21.46 15.40 0.08
CA THR A 16 -21.21 14.90 -1.28
C THR A 16 -19.74 15.06 -1.65
N GLY A 17 -19.10 13.95 -1.99
CA GLY A 17 -17.69 13.99 -2.37
C GLY A 17 -17.06 12.61 -2.36
N THR A 18 -16.92 12.02 -3.54
CA THR A 18 -16.32 10.70 -3.66
C THR A 18 -14.80 10.76 -3.54
N LEU A 19 -14.21 11.76 -4.19
CA LEU A 19 -12.76 11.94 -4.15
C LEU A 19 -12.37 12.99 -3.12
N GLY A 20 -11.13 12.90 -2.63
CA GLY A 20 -10.65 13.84 -1.64
C GLY A 20 -9.39 14.56 -2.09
N PHE A 21 -9.51 15.83 -2.43
CA PHE A 21 -8.37 16.63 -2.88
C PHE A 21 -7.12 16.26 -2.10
N GLY A 22 -7.24 16.17 -0.78
CA GLY A 22 -6.11 15.83 0.05
C GLY A 22 -5.37 14.61 -0.47
N ASP A 23 -4.04 14.71 -0.52
CA ASP A 23 -3.21 13.61 -1.00
C ASP A 23 -3.30 12.41 -0.05
N LYS A 24 -3.13 12.67 1.24
CA LYS A 24 -3.19 11.62 2.24
C LYS A 24 -4.22 11.94 3.31
N PHE A 25 -4.95 10.93 3.76
CA PHE A 25 -5.98 11.10 4.78
C PHE A 25 -6.05 9.89 5.69
N LYS A 26 -5.51 10.01 6.90
CA LYS A 26 -5.52 8.93 7.86
C LYS A 26 -4.96 7.64 7.24
N ARG A 27 -3.90 7.79 6.46
CA ARG A 27 -3.28 6.64 5.80
C ARG A 27 -1.79 6.88 5.58
N PRO A 28 -1.02 5.80 5.49
CA PRO A 28 0.44 5.86 5.28
C PRO A 28 0.79 6.36 3.88
N ILE A 29 1.94 7.03 3.78
CA ILE A 29 2.39 7.57 2.50
C ILE A 29 3.70 6.92 2.08
N GLY A 30 4.19 7.30 0.90
CA GLY A 30 5.44 6.75 0.40
C GLY A 30 5.48 5.24 0.48
N SER A 31 4.30 4.62 0.44
CA SER A 31 4.21 3.16 0.51
C SER A 31 3.55 2.60 -0.74
N TRP A 32 3.97 1.42 -1.14
CA TRP A 32 3.43 0.76 -2.33
C TRP A 32 2.95 -0.65 -2.00
N GLU A 33 1.67 -0.92 -2.23
CA GLU A 33 1.10 -2.23 -1.96
C GLU A 33 1.60 -3.26 -2.98
N CYS A 34 1.70 -4.52 -2.54
CA CYS A 34 2.16 -5.59 -3.41
C CYS A 34 1.00 -6.20 -4.18
N SER A 35 1.32 -7.09 -5.11
CA SER A 35 0.30 -7.75 -5.92
C SER A 35 0.31 -9.26 -5.69
N VAL A 36 1.51 -9.81 -5.48
CA VAL A 36 1.66 -11.23 -5.24
C VAL A 36 1.26 -11.61 -3.82
N CYS A 37 1.60 -10.74 -2.87
CA CYS A 37 1.27 -10.98 -1.47
C CYS A 37 0.34 -9.89 -0.94
N CYS A 38 0.27 -8.78 -1.66
CA CYS A 38 -0.59 -7.67 -1.26
C CYS A 38 -0.19 -7.13 0.11
N VAL A 39 1.11 -6.92 0.29
CA VAL A 39 1.64 -6.41 1.56
C VAL A 39 2.29 -5.05 1.38
N SER A 40 2.11 -4.17 2.36
CA SER A 40 2.68 -2.84 2.30
C SER A 40 4.20 -2.89 2.43
N ASN A 41 4.88 -1.96 1.78
CA ASN A 41 6.33 -1.89 1.83
C ASN A 41 6.82 -0.45 1.73
N ASN A 42 8.13 -0.26 1.89
CA ASN A 42 8.72 1.07 1.82
C ASN A 42 9.11 1.41 0.39
N ALA A 43 8.79 2.63 -0.03
CA ALA A 43 9.11 3.09 -1.38
C ALA A 43 10.58 2.87 -1.69
N GLU A 44 11.45 3.32 -0.80
CA GLU A 44 12.88 3.17 -0.98
C GLU A 44 13.23 1.74 -1.40
N ASP A 45 12.65 0.77 -0.72
CA ASP A 45 12.90 -0.63 -1.02
C ASP A 45 12.43 -0.98 -2.43
N ASN A 46 13.36 -1.37 -3.29
CA ASN A 46 13.04 -1.71 -4.67
C ASN A 46 12.49 -3.14 -4.74
N LYS A 47 12.24 -3.73 -3.58
CA LYS A 47 11.71 -5.09 -3.52
C LYS A 47 10.85 -5.28 -2.27
N CYS A 48 10.01 -6.31 -2.29
CA CYS A 48 9.13 -6.61 -1.17
C CYS A 48 9.93 -7.22 -0.01
N VAL A 49 9.27 -7.35 1.14
CA VAL A 49 9.91 -7.93 2.32
C VAL A 49 9.22 -9.22 2.75
N SER A 50 7.94 -9.34 2.40
CA SER A 50 7.17 -10.53 2.75
C SER A 50 7.37 -11.63 1.72
N CYS A 51 7.39 -11.24 0.44
CA CYS A 51 7.58 -12.19 -0.64
C CYS A 51 8.90 -11.95 -1.36
N MET A 52 9.44 -10.74 -1.20
CA MET A 52 10.70 -10.38 -1.84
C MET A 52 10.57 -10.42 -3.36
N SER A 53 9.52 -9.79 -3.87
CA SER A 53 9.27 -9.76 -5.31
C SER A 53 9.63 -8.39 -5.88
N GLU A 54 10.03 -8.38 -7.15
CA GLU A 54 10.40 -7.14 -7.83
C GLU A 54 9.27 -6.12 -7.76
N LYS A 55 9.63 -4.85 -7.61
CA LYS A 55 8.65 -3.78 -7.53
C LYS A 55 8.29 -3.26 -8.91
N PRO A 56 6.99 -3.02 -9.14
CA PRO A 56 6.49 -2.53 -10.43
C PRO A 56 6.89 -1.08 -10.69
N GLY A 57 6.80 -0.65 -11.94
CA GLY A 57 7.16 0.70 -12.30
C GLY A 57 8.58 0.81 -12.79
ZN ZN B . 5.08 -8.85 -1.76
N GLY A 1 -1.74 18.24 36.80
CA GLY A 1 -3.17 17.98 36.82
C GLY A 1 -3.64 17.27 35.57
N SER A 2 -4.90 16.85 35.56
CA SER A 2 -5.47 16.15 34.41
C SER A 2 -7.00 16.17 34.47
N SER A 3 -7.63 15.88 33.34
CA SER A 3 -9.08 15.86 33.25
C SER A 3 -9.55 15.17 31.97
N GLY A 4 -10.79 14.69 31.98
CA GLY A 4 -11.33 14.01 30.82
C GLY A 4 -12.51 13.11 31.17
N SER A 5 -13.03 12.41 30.18
CA SER A 5 -14.16 11.51 30.38
C SER A 5 -14.01 10.24 29.54
N SER A 6 -14.56 9.15 30.05
CA SER A 6 -14.48 7.87 29.35
C SER A 6 -15.85 7.20 29.29
N GLY A 7 -16.10 6.44 28.23
CA GLY A 7 -17.36 5.76 28.07
C GLY A 7 -17.60 5.28 26.66
N SER A 8 -16.69 4.45 26.15
CA SER A 8 -16.81 3.92 24.79
C SER A 8 -17.28 2.48 24.82
N SER A 9 -17.84 2.06 25.94
CA SER A 9 -18.34 0.70 26.09
C SER A 9 -19.48 0.42 25.12
N SER A 10 -19.30 -0.58 24.25
CA SER A 10 -20.31 -0.93 23.28
C SER A 10 -20.28 -2.43 22.98
N SER A 11 -21.34 -2.93 22.36
CA SER A 11 -21.44 -4.35 22.02
C SER A 11 -21.36 -4.55 20.52
N CYS A 12 -20.21 -5.07 20.07
CA CYS A 12 -20.00 -5.32 18.65
C CYS A 12 -19.30 -6.65 18.43
N THR A 13 -19.57 -7.28 17.29
CA THR A 13 -18.97 -8.57 16.96
C THR A 13 -17.46 -8.46 16.87
N VAL A 14 -16.77 -9.54 17.22
CA VAL A 14 -15.31 -9.58 17.19
C VAL A 14 -14.81 -10.20 15.88
N THR A 15 -13.87 -9.51 15.24
CA THR A 15 -13.31 -9.99 13.98
C THR A 15 -11.83 -10.35 14.14
N THR A 16 -11.48 -11.59 13.81
CA THR A 16 -10.10 -12.05 13.92
C THR A 16 -9.19 -11.28 12.98
N GLY A 17 -7.93 -11.14 13.36
CA GLY A 17 -6.97 -10.42 12.54
C GLY A 17 -5.53 -10.74 12.92
N THR A 18 -4.84 -9.75 13.49
CA THR A 18 -3.46 -9.92 13.89
C THR A 18 -3.36 -10.42 15.33
N LEU A 19 -2.62 -11.51 15.53
CA LEU A 19 -2.45 -12.08 16.86
C LEU A 19 -1.61 -11.17 17.73
N GLY A 20 -1.95 -11.11 19.02
CA GLY A 20 -1.21 -10.28 19.95
C GLY A 20 -1.59 -8.81 19.84
N PHE A 21 -0.58 -7.94 19.83
CA PHE A 21 -0.82 -6.50 19.73
C PHE A 21 0.02 -5.88 18.61
N GLY A 22 -0.61 -5.03 17.81
CA GLY A 22 0.09 -4.39 16.71
C GLY A 22 -0.83 -4.09 15.54
N ASP A 23 -1.30 -2.85 15.46
CA ASP A 23 -2.18 -2.43 14.38
C ASP A 23 -1.94 -0.97 14.00
N LYS A 24 -1.99 -0.68 12.71
CA LYS A 24 -1.77 0.67 12.22
C LYS A 24 -3.10 1.34 11.88
N PHE A 25 -3.38 2.46 12.54
CA PHE A 25 -4.62 3.20 12.30
C PHE A 25 -4.90 3.33 10.80
N LYS A 26 -3.98 4.00 10.10
CA LYS A 26 -4.13 4.19 8.65
C LYS A 26 -2.89 3.70 7.92
N ARG A 27 -3.11 2.98 6.83
CA ARG A 27 -2.01 2.44 6.02
C ARG A 27 -1.20 3.58 5.41
N PRO A 28 0.09 3.31 5.16
CA PRO A 28 1.02 4.29 4.57
C PRO A 28 0.68 4.58 3.11
N ILE A 29 0.53 5.85 2.77
CA ILE A 29 0.22 6.26 1.41
C ILE A 29 1.48 6.28 0.55
N GLY A 30 2.57 6.78 1.12
CA GLY A 30 3.82 6.84 0.39
C GLY A 30 4.32 5.48 -0.04
N SER A 31 4.15 4.49 0.82
CA SER A 31 4.58 3.13 0.53
C SER A 31 3.92 2.61 -0.74
N TRP A 32 4.25 1.38 -1.12
CA TRP A 32 3.70 0.76 -2.31
C TRP A 32 3.15 -0.63 -2.00
N GLU A 33 1.88 -0.84 -2.34
CA GLU A 33 1.24 -2.13 -2.10
C GLU A 33 1.70 -3.17 -3.12
N CYS A 34 2.06 -4.35 -2.64
CA CYS A 34 2.51 -5.42 -3.51
C CYS A 34 1.36 -5.96 -4.36
N SER A 35 1.67 -6.86 -5.30
CA SER A 35 0.67 -7.45 -6.17
C SER A 35 0.56 -8.95 -5.93
N VAL A 36 1.69 -9.58 -5.64
CA VAL A 36 1.72 -11.02 -5.41
C VAL A 36 1.23 -11.35 -4.00
N CYS A 37 1.58 -10.49 -3.04
CA CYS A 37 1.19 -10.70 -1.65
C CYS A 37 0.28 -9.56 -1.17
N CYS A 38 0.29 -8.46 -1.91
CA CYS A 38 -0.52 -7.30 -1.56
C CYS A 38 -0.15 -6.77 -0.18
N VAL A 39 1.15 -6.60 0.05
CA VAL A 39 1.64 -6.10 1.33
C VAL A 39 2.43 -4.82 1.15
N SER A 40 2.33 -3.92 2.13
CA SER A 40 3.04 -2.64 2.07
C SER A 40 4.55 -2.85 2.24
N ASN A 41 5.32 -1.88 1.78
CA ASN A 41 6.77 -1.96 1.89
C ASN A 41 7.41 -0.57 1.77
N ASN A 42 8.65 -0.45 2.22
CA ASN A 42 9.36 0.82 2.18
C ASN A 42 9.37 1.38 0.76
N ALA A 43 9.08 2.67 0.63
CA ALA A 43 9.07 3.32 -0.67
C ALA A 43 10.41 3.19 -1.37
N GLU A 44 11.49 3.40 -0.62
CA GLU A 44 12.84 3.30 -1.17
C GLU A 44 13.16 1.87 -1.56
N ASP A 45 12.63 0.92 -0.81
CA ASP A 45 12.86 -0.49 -1.08
C ASP A 45 12.38 -0.87 -2.48
N ASN A 46 13.30 -1.32 -3.32
CA ASN A 46 12.96 -1.72 -4.69
C ASN A 46 12.48 -3.16 -4.73
N LYS A 47 12.17 -3.72 -3.57
CA LYS A 47 11.70 -5.09 -3.48
C LYS A 47 10.81 -5.29 -2.26
N CYS A 48 10.16 -6.45 -2.18
CA CYS A 48 9.28 -6.76 -1.06
C CYS A 48 10.05 -7.41 0.08
N VAL A 49 9.39 -7.55 1.22
CA VAL A 49 10.01 -8.16 2.39
C VAL A 49 9.28 -9.44 2.80
N SER A 50 7.97 -9.47 2.55
CA SER A 50 7.16 -10.64 2.90
C SER A 50 7.32 -11.74 1.86
N CYS A 51 7.31 -11.35 0.58
CA CYS A 51 7.45 -12.30 -0.51
C CYS A 51 8.76 -12.08 -1.26
N MET A 52 9.34 -10.89 -1.09
CA MET A 52 10.59 -10.55 -1.76
C MET A 52 10.43 -10.57 -3.28
N SER A 53 9.28 -10.09 -3.74
CA SER A 53 8.99 -10.05 -5.17
C SER A 53 9.41 -8.70 -5.77
N GLU A 54 9.86 -8.74 -7.02
CA GLU A 54 10.28 -7.53 -7.71
C GLU A 54 9.21 -6.45 -7.63
N LYS A 55 9.64 -5.20 -7.57
CA LYS A 55 8.70 -4.07 -7.50
C LYS A 55 8.37 -3.55 -8.89
N PRO A 56 7.07 -3.29 -9.13
CA PRO A 56 6.59 -2.78 -10.42
C PRO A 56 7.03 -1.35 -10.67
N GLY A 57 6.65 -0.82 -11.84
CA GLY A 57 7.01 0.55 -12.18
C GLY A 57 6.26 1.05 -13.41
ZN ZN B . 5.17 -8.87 -1.80
N GLY A 1 34.10 0.49 12.56
CA GLY A 1 34.02 -0.27 11.33
C GLY A 1 34.64 0.45 10.15
N SER A 2 34.10 1.62 9.83
CA SER A 2 34.61 2.43 8.71
C SER A 2 34.29 3.89 8.91
N SER A 3 35.33 4.72 9.03
CA SER A 3 35.16 6.15 9.23
C SER A 3 36.01 6.94 8.23
N GLY A 4 35.37 7.89 7.56
CA GLY A 4 36.08 8.70 6.58
C GLY A 4 35.26 9.87 6.10
N SER A 5 34.81 10.71 7.03
CA SER A 5 34.00 11.88 6.69
C SER A 5 34.85 12.96 6.04
N SER A 6 34.59 13.24 4.77
CA SER A 6 35.33 14.25 4.03
C SER A 6 34.39 15.18 3.28
N GLY A 7 34.46 16.47 3.61
CA GLY A 7 33.59 17.44 2.96
C GLY A 7 32.92 18.38 3.95
N SER A 8 33.57 19.50 4.24
CA SER A 8 33.03 20.47 5.18
C SER A 8 31.65 20.97 4.71
N SER A 9 30.68 20.91 5.61
CA SER A 9 29.33 21.36 5.30
C SER A 9 28.82 22.33 6.36
N SER A 10 28.62 23.58 5.95
CA SER A 10 28.14 24.61 6.87
C SER A 10 26.64 24.45 7.11
N SER A 11 26.27 24.28 8.38
CA SER A 11 24.87 24.12 8.75
C SER A 11 24.64 24.54 10.19
N CYS A 12 23.38 24.83 10.52
CA CYS A 12 23.02 25.25 11.87
C CYS A 12 22.97 24.05 12.81
N THR A 13 23.84 24.04 13.81
CA THR A 13 23.89 22.96 14.78
C THR A 13 22.62 22.90 15.60
N VAL A 14 21.83 21.85 15.39
CA VAL A 14 20.57 21.68 16.12
C VAL A 14 20.72 20.62 17.21
N THR A 15 20.23 20.94 18.40
CA THR A 15 20.30 20.02 19.53
C THR A 15 18.92 19.51 19.91
N THR A 16 18.68 18.22 19.66
CA THR A 16 17.40 17.60 19.97
C THR A 16 17.54 16.61 21.11
N GLY A 17 16.49 16.51 21.94
CA GLY A 17 16.52 15.59 23.07
C GLY A 17 15.13 15.14 23.47
N THR A 18 14.31 16.08 23.94
CA THR A 18 12.95 15.77 24.36
C THR A 18 12.08 15.37 23.18
N LEU A 19 12.28 16.03 22.05
CA LEU A 19 11.52 15.74 20.84
C LEU A 19 12.41 15.77 19.60
N GLY A 20 12.40 14.67 18.85
CA GLY A 20 13.21 14.59 17.65
C GLY A 20 12.61 15.34 16.48
N PHE A 21 12.54 14.69 15.33
CA PHE A 21 11.99 15.31 14.13
C PHE A 21 10.69 16.05 14.45
N GLY A 22 9.83 15.41 15.24
CA GLY A 22 8.57 16.02 15.62
C GLY A 22 7.40 15.06 15.45
N ASP A 23 7.11 14.70 14.20
CA ASP A 23 6.00 13.81 13.91
C ASP A 23 6.25 12.42 14.52
N LYS A 24 5.39 12.03 15.44
CA LYS A 24 5.53 10.74 16.10
C LYS A 24 5.53 9.61 15.08
N PHE A 25 4.73 9.75 14.04
CA PHE A 25 4.65 8.74 12.98
C PHE A 25 5.35 9.22 11.71
N LYS A 26 6.21 8.37 11.16
CA LYS A 26 6.94 8.71 9.94
C LYS A 26 6.42 7.88 8.76
N ARG A 27 5.67 8.53 7.87
CA ARG A 27 5.12 7.87 6.70
C ARG A 27 6.24 7.28 5.83
N PRO A 28 5.91 6.21 5.10
CA PRO A 28 6.87 5.53 4.22
C PRO A 28 7.24 6.37 3.00
N ILE A 29 6.75 7.61 2.98
CA ILE A 29 7.02 8.52 1.87
C ILE A 29 6.52 7.95 0.55
N GLY A 30 5.28 7.48 0.55
CA GLY A 30 4.69 6.92 -0.66
C GLY A 30 4.84 5.41 -0.72
N SER A 31 3.98 4.69 -0.01
CA SER A 31 4.03 3.24 0.01
C SER A 31 3.54 2.66 -1.31
N TRP A 32 3.78 1.38 -1.51
CA TRP A 32 3.36 0.70 -2.74
C TRP A 32 2.83 -0.70 -2.44
N GLU A 33 1.55 -0.91 -2.69
CA GLU A 33 0.92 -2.21 -2.44
C GLU A 33 1.53 -3.28 -3.33
N CYS A 34 1.77 -4.45 -2.76
CA CYS A 34 2.35 -5.57 -3.49
C CYS A 34 1.28 -6.33 -4.27
N SER A 35 1.71 -7.08 -5.27
CA SER A 35 0.79 -7.86 -6.09
C SER A 35 0.81 -9.33 -5.71
N VAL A 36 1.97 -9.80 -5.25
CA VAL A 36 2.13 -11.19 -4.85
C VAL A 36 1.43 -11.46 -3.52
N CYS A 37 1.88 -10.76 -2.47
CA CYS A 37 1.30 -10.92 -1.15
C CYS A 37 0.44 -9.72 -0.78
N CYS A 38 0.73 -8.57 -1.40
CA CYS A 38 -0.02 -7.35 -1.15
C CYS A 38 0.22 -6.85 0.27
N VAL A 39 1.49 -6.80 0.67
CA VAL A 39 1.86 -6.35 2.01
C VAL A 39 2.55 -4.99 1.95
N SER A 40 2.29 -4.16 2.96
CA SER A 40 2.87 -2.83 3.02
C SER A 40 4.39 -2.90 2.86
N ASN A 41 4.95 -1.97 2.09
CA ASN A 41 6.39 -1.93 1.85
C ASN A 41 6.91 -0.50 1.97
N ASN A 42 8.23 -0.36 1.93
CA ASN A 42 8.87 0.95 2.05
C ASN A 42 9.25 1.49 0.67
N ALA A 43 8.68 2.63 0.30
CA ALA A 43 8.96 3.25 -0.99
C ALA A 43 10.43 3.09 -1.36
N GLU A 44 11.30 3.16 -0.35
CA GLU A 44 12.73 3.03 -0.56
C GLU A 44 13.08 1.66 -1.13
N ASP A 45 12.54 0.61 -0.50
CA ASP A 45 12.80 -0.76 -0.93
C ASP A 45 12.29 -0.97 -2.36
N ASN A 46 13.21 -1.35 -3.24
CA ASN A 46 12.86 -1.58 -4.64
C ASN A 46 12.27 -2.98 -4.82
N LYS A 47 11.88 -3.61 -3.71
CA LYS A 47 11.31 -4.94 -3.75
C LYS A 47 10.50 -5.22 -2.48
N CYS A 48 9.82 -6.36 -2.45
CA CYS A 48 9.01 -6.75 -1.29
C CYS A 48 9.87 -7.43 -0.24
N VAL A 49 9.32 -7.58 0.96
CA VAL A 49 10.03 -8.22 2.06
C VAL A 49 9.32 -9.50 2.50
N SER A 50 8.01 -9.54 2.30
CA SER A 50 7.22 -10.70 2.68
C SER A 50 7.35 -11.82 1.65
N CYS A 51 7.34 -11.43 0.38
CA CYS A 51 7.46 -12.40 -0.72
C CYS A 51 8.74 -12.16 -1.51
N MET A 52 9.31 -10.97 -1.36
CA MET A 52 10.54 -10.62 -2.07
C MET A 52 10.32 -10.59 -3.57
N SER A 53 9.24 -9.94 -4.00
CA SER A 53 8.91 -9.85 -5.41
C SER A 53 9.39 -8.52 -6.00
N GLU A 54 9.44 -8.46 -7.33
CA GLU A 54 9.89 -7.24 -8.01
C GLU A 54 8.86 -6.13 -7.87
N LYS A 55 9.35 -4.92 -7.60
CA LYS A 55 8.47 -3.76 -7.45
C LYS A 55 8.15 -3.13 -8.80
N PRO A 56 6.87 -2.80 -9.01
CA PRO A 56 6.40 -2.19 -10.25
C PRO A 56 6.89 -0.76 -10.41
N GLY A 57 7.25 -0.39 -11.64
CA GLY A 57 7.73 0.95 -11.90
C GLY A 57 9.18 0.97 -12.35
ZN ZN B . 4.87 -9.10 -1.63
N GLY A 1 26.21 33.10 30.85
CA GLY A 1 25.58 33.50 29.60
C GLY A 1 24.80 32.37 28.96
N SER A 2 24.08 32.68 27.89
CA SER A 2 23.29 31.69 27.18
C SER A 2 23.99 30.33 27.19
N SER A 3 25.18 30.28 26.61
CA SER A 3 25.95 29.05 26.54
C SER A 3 25.15 27.94 25.88
N GLY A 4 24.44 28.27 24.82
CA GLY A 4 23.63 27.30 24.11
C GLY A 4 22.21 27.24 24.63
N SER A 5 21.25 27.48 23.74
CA SER A 5 19.83 27.46 24.12
C SER A 5 19.22 26.09 23.83
N SER A 6 18.17 25.76 24.57
CA SER A 6 17.48 24.48 24.40
C SER A 6 16.28 24.62 23.46
N GLY A 7 15.86 23.51 22.87
CA GLY A 7 14.74 23.53 21.96
C GLY A 7 13.72 22.45 22.28
N SER A 8 12.77 22.76 23.15
CA SER A 8 11.75 21.81 23.54
C SER A 8 10.40 22.50 23.72
N SER A 9 9.37 21.97 23.06
CA SER A 9 8.04 22.54 23.15
C SER A 9 7.27 21.95 24.32
N SER A 10 7.31 20.62 24.44
CA SER A 10 6.61 19.92 25.52
C SER A 10 7.50 19.81 26.76
N SER A 11 7.05 20.40 27.86
CA SER A 11 7.81 20.37 29.10
C SER A 11 7.45 19.13 29.92
N CYS A 12 6.17 18.92 30.13
CA CYS A 12 5.69 17.77 30.89
C CYS A 12 5.83 16.48 30.08
N THR A 13 6.01 15.36 30.78
CA THR A 13 6.16 14.07 30.13
C THR A 13 4.84 13.58 29.57
N VAL A 14 3.75 13.92 30.24
CA VAL A 14 2.41 13.52 29.81
C VAL A 14 2.14 13.97 28.38
N THR A 15 1.37 13.17 27.65
CA THR A 15 1.03 13.50 26.27
C THR A 15 0.24 14.79 26.18
N THR A 16 -0.71 14.96 27.10
CA THR A 16 -1.54 16.16 27.12
C THR A 16 -0.69 17.42 27.21
N GLY A 17 -1.08 18.44 26.45
CA GLY A 17 -0.34 19.70 26.45
C GLY A 17 -0.19 20.28 25.06
N THR A 18 0.66 19.65 24.25
CA THR A 18 0.91 20.12 22.89
C THR A 18 -0.04 19.44 21.90
N LEU A 19 -0.26 20.09 20.77
CA LEU A 19 -1.15 19.54 19.74
C LEU A 19 -0.35 18.78 18.69
N GLY A 20 -0.90 17.64 18.26
CA GLY A 20 -0.22 16.83 17.26
C GLY A 20 -1.19 15.96 16.47
N PHE A 21 -1.88 16.56 15.50
CA PHE A 21 -2.83 15.84 14.68
C PHE A 21 -2.60 16.11 13.20
N GLY A 22 -2.21 15.07 12.47
CA GLY A 22 -1.96 15.22 11.05
C GLY A 22 -3.16 14.84 10.20
N ASP A 23 -2.89 14.24 9.04
CA ASP A 23 -3.96 13.82 8.15
C ASP A 23 -3.61 12.50 7.45
N LYS A 24 -4.54 11.55 7.51
CA LYS A 24 -4.32 10.25 6.89
C LYS A 24 -5.45 9.92 5.91
N PHE A 25 -5.08 9.59 4.67
CA PHE A 25 -6.05 9.27 3.64
C PHE A 25 -5.98 7.78 3.29
N LYS A 26 -7.04 7.28 2.65
CA LYS A 26 -7.11 5.88 2.26
C LYS A 26 -5.77 5.39 1.73
N ARG A 27 -5.20 6.16 0.80
CA ARG A 27 -3.91 5.81 0.21
C ARG A 27 -2.82 5.74 1.28
N PRO A 28 -1.89 4.79 1.11
CA PRO A 28 -0.78 4.59 2.06
C PRO A 28 0.23 5.74 2.00
N ILE A 29 1.08 5.82 3.02
CA ILE A 29 2.10 6.86 3.09
C ILE A 29 3.38 6.43 2.39
N GLY A 30 3.75 7.15 1.34
CA GLY A 30 4.95 6.81 0.60
C GLY A 30 5.22 5.33 0.56
N SER A 31 4.16 4.54 0.38
CA SER A 31 4.29 3.08 0.32
C SER A 31 3.59 2.53 -0.91
N TRP A 32 4.07 1.38 -1.39
CA TRP A 32 3.50 0.74 -2.56
C TRP A 32 3.00 -0.66 -2.23
N GLU A 33 1.71 -0.88 -2.39
CA GLU A 33 1.10 -2.19 -2.10
C GLU A 33 1.57 -3.23 -3.12
N CYS A 34 1.91 -4.42 -2.62
CA CYS A 34 2.37 -5.50 -3.49
C CYS A 34 1.21 -6.08 -4.30
N SER A 35 1.54 -6.97 -5.22
CA SER A 35 0.52 -7.60 -6.07
C SER A 35 0.49 -9.11 -5.85
N VAL A 36 1.66 -9.68 -5.56
CA VAL A 36 1.76 -11.13 -5.32
C VAL A 36 1.28 -11.49 -3.92
N CYS A 37 1.66 -10.67 -2.94
CA CYS A 37 1.27 -10.90 -1.56
C CYS A 37 0.34 -9.80 -1.06
N CYS A 38 0.34 -8.68 -1.77
CA CYS A 38 -0.51 -7.54 -1.40
C CYS A 38 -0.16 -7.03 0.00
N VAL A 39 1.14 -6.89 0.26
CA VAL A 39 1.61 -6.41 1.55
C VAL A 39 2.30 -5.06 1.43
N SER A 40 2.14 -4.22 2.45
CA SER A 40 2.75 -2.90 2.45
C SER A 40 4.27 -3.00 2.31
N ASN A 41 4.85 -2.08 1.54
CA ASN A 41 6.29 -2.07 1.32
C ASN A 41 6.85 -0.65 1.48
N ASN A 42 8.17 -0.55 1.48
CA ASN A 42 8.83 0.74 1.63
C ASN A 42 9.22 1.32 0.27
N ALA A 43 9.00 2.62 0.11
CA ALA A 43 9.33 3.29 -1.15
C ALA A 43 10.76 2.98 -1.58
N GLU A 44 11.72 3.33 -0.73
CA GLU A 44 13.13 3.08 -1.02
C GLU A 44 13.36 1.64 -1.42
N ASP A 45 12.67 0.72 -0.76
CA ASP A 45 12.79 -0.69 -1.04
C ASP A 45 12.36 -1.01 -2.48
N ASN A 46 13.32 -1.39 -3.31
CA ASN A 46 13.04 -1.71 -4.70
C ASN A 46 12.28 -3.02 -4.81
N LYS A 47 12.32 -3.82 -3.75
CA LYS A 47 11.63 -5.11 -3.73
C LYS A 47 10.76 -5.24 -2.48
N CYS A 48 9.99 -6.31 -2.41
CA CYS A 48 9.11 -6.56 -1.27
C CYS A 48 9.91 -7.07 -0.07
N VAL A 49 9.23 -7.23 1.05
CA VAL A 49 9.86 -7.72 2.27
C VAL A 49 9.27 -9.05 2.72
N SER A 50 7.97 -9.21 2.49
CA SER A 50 7.27 -10.43 2.88
C SER A 50 7.52 -11.54 1.86
N CYS A 51 7.44 -11.19 0.58
CA CYS A 51 7.66 -12.16 -0.49
C CYS A 51 8.98 -11.87 -1.22
N MET A 52 9.50 -10.67 -1.03
CA MET A 52 10.75 -10.28 -1.67
C MET A 52 10.64 -10.38 -3.19
N SER A 53 9.57 -9.83 -3.74
CA SER A 53 9.35 -9.87 -5.18
C SER A 53 9.74 -8.54 -5.82
N GLU A 54 9.62 -8.47 -7.15
CA GLU A 54 9.97 -7.26 -7.88
C GLU A 54 8.89 -6.19 -7.71
N LYS A 55 9.32 -4.95 -7.53
CA LYS A 55 8.40 -3.84 -7.36
C LYS A 55 7.93 -3.30 -8.70
N PRO A 56 6.62 -3.08 -8.83
CA PRO A 56 6.01 -2.55 -10.06
C PRO A 56 6.39 -1.10 -10.32
N GLY A 57 6.97 -0.85 -11.49
CA GLY A 57 7.37 0.51 -11.84
C GLY A 57 8.87 0.64 -12.02
ZN ZN B . 5.10 -8.90 -1.79
N GLY A 1 -25.36 -40.50 12.61
CA GLY A 1 -26.53 -39.70 12.91
C GLY A 1 -26.32 -38.75 14.06
N SER A 2 -27.16 -37.73 14.15
CA SER A 2 -27.06 -36.74 15.22
C SER A 2 -28.43 -36.26 15.66
N SER A 3 -28.47 -35.47 16.71
CA SER A 3 -29.73 -34.93 17.24
C SER A 3 -29.89 -33.46 16.89
N GLY A 4 -31.06 -32.91 17.20
CA GLY A 4 -31.32 -31.51 16.91
C GLY A 4 -32.48 -30.96 17.70
N SER A 5 -32.49 -29.65 17.91
CA SER A 5 -33.56 -29.00 18.66
C SER A 5 -34.51 -28.25 17.72
N SER A 6 -35.59 -27.73 18.29
CA SER A 6 -36.57 -26.99 17.50
C SER A 6 -36.03 -25.63 17.08
N GLY A 7 -36.13 -25.34 15.79
CA GLY A 7 -35.63 -24.07 15.28
C GLY A 7 -35.16 -24.17 13.83
N SER A 8 -35.50 -23.16 13.04
CA SER A 8 -35.12 -23.15 11.63
C SER A 8 -33.59 -23.09 11.48
N SER A 9 -33.08 -23.82 10.50
CA SER A 9 -31.63 -23.86 10.26
C SER A 9 -31.10 -22.46 9.98
N SER A 10 -30.37 -21.91 10.94
CA SER A 10 -29.80 -20.58 10.80
C SER A 10 -28.27 -20.64 10.75
N SER A 11 -27.69 -20.02 9.74
CA SER A 11 -26.24 -20.01 9.57
C SER A 11 -25.56 -19.46 10.81
N CYS A 12 -24.25 -19.65 10.90
CA CYS A 12 -23.48 -19.17 12.04
C CYS A 12 -22.00 -19.03 11.68
N THR A 13 -21.46 -17.83 11.89
CA THR A 13 -20.06 -17.55 11.58
C THR A 13 -19.26 -17.31 12.86
N VAL A 14 -18.44 -18.28 13.23
CA VAL A 14 -17.62 -18.17 14.43
C VAL A 14 -16.19 -17.71 14.08
N THR A 15 -15.84 -16.51 14.52
CA THR A 15 -14.52 -15.96 14.25
C THR A 15 -13.55 -16.29 15.38
N THR A 16 -12.27 -16.41 15.03
CA THR A 16 -11.24 -16.73 16.02
C THR A 16 -9.91 -16.08 15.64
N GLY A 17 -9.37 -15.28 16.56
CA GLY A 17 -8.11 -14.61 16.31
C GLY A 17 -8.26 -13.12 16.13
N THR A 18 -7.63 -12.35 17.01
CA THR A 18 -7.71 -10.90 16.96
C THR A 18 -6.41 -10.26 17.44
N LEU A 19 -6.30 -8.95 17.27
CA LEU A 19 -5.11 -8.22 17.70
C LEU A 19 -5.37 -6.72 17.72
N GLY A 20 -4.39 -5.96 18.21
CA GLY A 20 -4.54 -4.52 18.27
C GLY A 20 -3.91 -3.93 19.51
N PHE A 21 -2.63 -4.23 19.73
CA PHE A 21 -1.90 -3.73 20.89
C PHE A 21 -1.58 -2.25 20.73
N GLY A 22 -0.85 -1.92 19.67
CA GLY A 22 -0.48 -0.54 19.42
C GLY A 22 -0.15 -0.27 17.96
N ASP A 23 -1.17 0.11 17.20
CA ASP A 23 -0.98 0.40 15.78
C ASP A 23 -0.35 1.77 15.58
N LYS A 24 0.53 1.87 14.59
CA LYS A 24 1.21 3.13 14.29
C LYS A 24 0.24 4.11 13.61
N PHE A 25 0.14 5.30 14.18
CA PHE A 25 -0.73 6.34 13.62
C PHE A 25 -0.10 6.98 12.39
N LYS A 26 1.19 7.26 12.48
CA LYS A 26 1.91 7.89 11.37
C LYS A 26 1.76 7.08 10.10
N ARG A 27 2.02 7.71 8.96
CA ARG A 27 1.91 7.05 7.66
C ARG A 27 3.13 7.36 6.79
N PRO A 28 3.45 6.43 5.88
CA PRO A 28 4.59 6.58 4.96
C PRO A 28 4.36 7.66 3.93
N ILE A 29 5.44 8.10 3.29
CA ILE A 29 5.36 9.14 2.27
C ILE A 29 4.68 8.61 1.01
N GLY A 30 5.31 7.63 0.37
CA GLY A 30 4.76 7.06 -0.84
C GLY A 30 5.04 5.57 -0.96
N SER A 31 4.42 4.78 -0.07
CA SER A 31 4.61 3.34 -0.07
C SER A 31 4.00 2.71 -1.31
N TRP A 32 4.34 1.46 -1.57
CA TRP A 32 3.82 0.74 -2.73
C TRP A 32 3.26 -0.62 -2.32
N GLU A 33 1.99 -0.84 -2.65
CA GLU A 33 1.32 -2.10 -2.33
C GLU A 33 1.75 -3.20 -3.30
N CYS A 34 2.04 -4.38 -2.75
CA CYS A 34 2.45 -5.52 -3.56
C CYS A 34 1.26 -6.11 -4.32
N SER A 35 1.54 -7.03 -5.23
CA SER A 35 0.50 -7.68 -6.02
C SER A 35 0.45 -9.17 -5.74
N VAL A 36 1.62 -9.78 -5.56
CA VAL A 36 1.70 -11.21 -5.28
C VAL A 36 1.24 -11.52 -3.86
N CYS A 37 1.68 -10.71 -2.91
CA CYS A 37 1.31 -10.90 -1.51
C CYS A 37 0.47 -9.73 -1.01
N CYS A 38 0.49 -8.63 -1.76
CA CYS A 38 -0.28 -7.45 -1.39
C CYS A 38 0.10 -6.97 0.01
N VAL A 39 1.40 -6.89 0.27
CA VAL A 39 1.89 -6.46 1.57
C VAL A 39 2.55 -5.08 1.48
N SER A 40 2.26 -4.22 2.44
CA SER A 40 2.84 -2.87 2.47
C SER A 40 4.34 -2.93 2.69
N ASN A 41 5.05 -1.93 2.17
CA ASN A 41 6.50 -1.86 2.31
C ASN A 41 6.97 -0.41 2.27
N ASN A 42 8.29 -0.23 2.43
CA ASN A 42 8.87 1.11 2.41
C ASN A 42 9.20 1.53 0.99
N ALA A 43 8.75 2.74 0.62
CA ALA A 43 9.00 3.27 -0.72
C ALA A 43 10.44 3.02 -1.14
N GLU A 44 11.38 3.22 -0.23
CA GLU A 44 12.79 3.02 -0.51
C GLU A 44 13.05 1.58 -0.98
N ASP A 45 12.44 0.63 -0.29
CA ASP A 45 12.61 -0.78 -0.62
C ASP A 45 12.02 -1.08 -2.01
N ASN A 46 12.90 -1.20 -3.00
CA ASN A 46 12.49 -1.48 -4.37
C ASN A 46 11.87 -2.87 -4.47
N LYS A 47 12.16 -3.71 -3.48
CA LYS A 47 11.64 -5.08 -3.46
C LYS A 47 10.79 -5.31 -2.22
N CYS A 48 10.07 -6.43 -2.20
CA CYS A 48 9.22 -6.78 -1.07
C CYS A 48 10.03 -7.44 0.04
N VAL A 49 9.38 -7.67 1.17
CA VAL A 49 10.04 -8.30 2.32
C VAL A 49 9.38 -9.64 2.66
N SER A 50 8.08 -9.73 2.42
CA SER A 50 7.34 -10.95 2.71
C SER A 50 7.52 -11.98 1.59
N CYS A 51 7.44 -11.51 0.35
CA CYS A 51 7.61 -12.38 -0.81
C CYS A 51 8.91 -12.09 -1.53
N MET A 52 9.48 -10.92 -1.27
CA MET A 52 10.73 -10.51 -1.90
C MET A 52 10.58 -10.46 -3.42
N SER A 53 9.50 -9.84 -3.87
CA SER A 53 9.24 -9.72 -5.31
C SER A 53 9.73 -8.38 -5.84
N GLU A 54 9.59 -8.18 -7.15
CA GLU A 54 10.01 -6.94 -7.78
C GLU A 54 8.89 -5.89 -7.76
N LYS A 55 9.25 -4.65 -7.47
CA LYS A 55 8.28 -3.57 -7.43
C LYS A 55 7.85 -3.15 -8.82
N PRO A 56 6.53 -3.03 -9.03
CA PRO A 56 5.96 -2.64 -10.32
C PRO A 56 6.25 -1.17 -10.66
N GLY A 57 6.75 -0.95 -11.87
CA GLY A 57 7.05 0.41 -12.30
C GLY A 57 7.27 0.51 -13.80
ZN ZN B . 5.13 -8.94 -1.77
N GLY A 1 0.99 14.99 -5.18
CA GLY A 1 0.20 15.91 -5.97
C GLY A 1 -0.89 15.21 -6.76
N SER A 2 -1.19 15.72 -7.95
CA SER A 2 -2.22 15.15 -8.80
C SER A 2 -1.90 13.69 -9.14
N SER A 3 -2.91 12.85 -9.11
CA SER A 3 -2.73 11.44 -9.43
C SER A 3 -4.09 10.75 -9.64
N GLY A 4 -4.07 9.67 -10.42
CA GLY A 4 -5.29 8.94 -10.69
C GLY A 4 -6.11 8.68 -9.45
N SER A 5 -5.48 8.04 -8.46
CA SER A 5 -6.16 7.72 -7.20
C SER A 5 -7.46 6.98 -7.47
N SER A 6 -7.45 6.12 -8.48
CA SER A 6 -8.64 5.34 -8.83
C SER A 6 -8.25 4.08 -9.60
N GLY A 7 -9.04 3.02 -9.42
CA GLY A 7 -8.78 1.77 -10.09
C GLY A 7 -9.95 0.80 -10.03
N SER A 8 -9.66 -0.48 -9.89
CA SER A 8 -10.70 -1.50 -9.83
C SER A 8 -10.47 -2.44 -8.65
N SER A 9 -11.52 -2.66 -7.87
CA SER A 9 -11.44 -3.54 -6.70
C SER A 9 -12.83 -3.90 -6.20
N SER A 10 -12.93 -5.06 -5.54
CA SER A 10 -14.20 -5.52 -5.01
C SER A 10 -14.85 -4.46 -4.12
N SER A 11 -14.15 -4.12 -3.04
CA SER A 11 -14.64 -3.11 -2.10
C SER A 11 -13.53 -2.61 -1.19
N CYS A 12 -13.73 -1.44 -0.60
CA CYS A 12 -12.74 -0.84 0.28
C CYS A 12 -13.03 -1.21 1.73
N THR A 13 -12.07 -1.86 2.38
CA THR A 13 -12.23 -2.27 3.77
C THR A 13 -11.01 -1.87 4.61
N VAL A 14 -11.25 -1.46 5.85
CA VAL A 14 -10.18 -1.05 6.73
C VAL A 14 -9.22 -2.20 7.01
N THR A 15 -9.78 -3.37 7.29
CA THR A 15 -8.98 -4.55 7.58
C THR A 15 -8.20 -4.39 8.89
N THR A 16 -8.89 -3.89 9.91
CA THR A 16 -8.27 -3.69 11.22
C THR A 16 -9.12 -4.32 12.33
N GLY A 17 -8.46 -5.06 13.21
CA GLY A 17 -9.15 -5.71 14.30
C GLY A 17 -9.12 -4.89 15.57
N THR A 18 -8.90 -5.55 16.70
CA THR A 18 -8.84 -4.88 17.99
C THR A 18 -7.41 -4.81 18.52
N LEU A 19 -6.44 -5.03 17.63
CA LEU A 19 -5.04 -4.99 18.00
C LEU A 19 -4.67 -3.65 18.63
N GLY A 20 -5.15 -2.56 18.02
CA GLY A 20 -4.87 -1.24 18.54
C GLY A 20 -5.99 -0.26 18.26
N PHE A 21 -6.10 0.76 19.11
CA PHE A 21 -7.15 1.77 18.95
C PHE A 21 -7.29 2.18 17.49
N GLY A 22 -6.16 2.40 16.83
CA GLY A 22 -6.17 2.80 15.44
C GLY A 22 -4.80 3.18 14.92
N ASP A 23 -4.65 3.25 13.60
CA ASP A 23 -3.38 3.60 12.99
C ASP A 23 -3.16 5.11 13.01
N LYS A 24 -1.96 5.54 12.64
CA LYS A 24 -1.62 6.95 12.63
C LYS A 24 -2.23 7.64 11.40
N PHE A 25 -2.09 7.02 10.23
CA PHE A 25 -2.63 7.57 9.00
C PHE A 25 -3.38 6.50 8.21
N LYS A 26 -4.64 6.77 7.92
CA LYS A 26 -5.48 5.83 7.17
C LYS A 26 -4.76 5.36 5.92
N ARG A 27 -4.24 6.32 5.14
CA ARG A 27 -3.53 6.00 3.91
C ARG A 27 -2.02 6.10 4.11
N PRO A 28 -1.27 5.34 3.31
CA PRO A 28 0.20 5.33 3.37
C PRO A 28 0.82 6.63 2.88
N ILE A 29 2.02 6.93 3.37
CA ILE A 29 2.72 8.14 2.98
C ILE A 29 3.18 8.08 1.52
N GLY A 30 4.00 7.08 1.21
CA GLY A 30 4.50 6.92 -0.15
C GLY A 30 4.95 5.51 -0.43
N SER A 31 4.22 4.53 0.10
CA SER A 31 4.55 3.13 -0.10
C SER A 31 3.95 2.61 -1.40
N TRP A 32 4.26 1.37 -1.73
CA TRP A 32 3.77 0.74 -2.96
C TRP A 32 3.15 -0.62 -2.66
N GLU A 33 1.85 -0.76 -2.92
CA GLU A 33 1.15 -2.02 -2.68
C GLU A 33 1.73 -3.13 -3.56
N CYS A 34 2.08 -4.24 -2.93
CA CYS A 34 2.64 -5.38 -3.65
C CYS A 34 1.57 -6.08 -4.48
N SER A 35 2.01 -6.91 -5.42
CA SER A 35 1.08 -7.64 -6.29
C SER A 35 1.05 -9.12 -5.91
N VAL A 36 2.18 -9.63 -5.44
CA VAL A 36 2.28 -11.04 -5.06
C VAL A 36 1.55 -11.29 -3.75
N CYS A 37 1.96 -10.60 -2.69
CA CYS A 37 1.35 -10.76 -1.38
C CYS A 37 0.45 -9.56 -1.06
N CYS A 38 0.74 -8.43 -1.68
CA CYS A 38 -0.03 -7.21 -1.45
C CYS A 38 0.17 -6.69 -0.04
N VAL A 39 1.43 -6.61 0.38
CA VAL A 39 1.76 -6.12 1.71
C VAL A 39 2.53 -4.80 1.64
N SER A 40 2.21 -3.90 2.55
CA SER A 40 2.86 -2.59 2.59
C SER A 40 4.39 -2.75 2.60
N ASN A 41 5.06 -1.97 1.76
CA ASN A 41 6.52 -2.01 1.66
C ASN A 41 7.12 -0.62 1.80
N ASN A 42 8.41 -0.56 2.12
CA ASN A 42 9.10 0.71 2.27
C ASN A 42 9.38 1.35 0.92
N ALA A 43 8.91 2.58 0.74
CA ALA A 43 9.11 3.30 -0.50
C ALA A 43 10.52 3.09 -1.04
N GLU A 44 11.52 3.32 -0.18
CA GLU A 44 12.91 3.16 -0.57
C GLU A 44 13.17 1.75 -1.09
N ASP A 45 12.62 0.75 -0.39
CA ASP A 45 12.79 -0.64 -0.78
C ASP A 45 12.20 -0.89 -2.17
N ASN A 46 13.05 -1.34 -3.09
CA ASN A 46 12.61 -1.62 -4.45
C ASN A 46 11.97 -3.00 -4.55
N LYS A 47 12.22 -3.83 -3.54
CA LYS A 47 11.66 -5.18 -3.51
C LYS A 47 10.78 -5.38 -2.28
N CYS A 48 10.07 -6.50 -2.24
CA CYS A 48 9.19 -6.81 -1.12
C CYS A 48 9.95 -7.52 0.00
N VAL A 49 9.28 -7.71 1.12
CA VAL A 49 9.90 -8.38 2.27
C VAL A 49 9.17 -9.68 2.60
N SER A 50 7.86 -9.66 2.46
CA SER A 50 7.03 -10.83 2.74
C SER A 50 7.23 -11.91 1.68
N CYS A 51 7.23 -11.49 0.42
CA CYS A 51 7.40 -12.42 -0.69
C CYS A 51 8.73 -12.18 -1.40
N MET A 52 9.30 -10.98 -1.20
CA MET A 52 10.56 -10.62 -1.82
C MET A 52 10.43 -10.57 -3.34
N SER A 53 9.37 -9.92 -3.81
CA SER A 53 9.12 -9.81 -5.25
C SER A 53 9.64 -8.47 -5.77
N GLU A 54 9.58 -8.30 -7.10
CA GLU A 54 10.03 -7.07 -7.73
C GLU A 54 8.94 -6.01 -7.71
N LYS A 55 9.30 -4.79 -7.34
CA LYS A 55 8.36 -3.68 -7.28
C LYS A 55 7.92 -3.27 -8.69
N PRO A 56 6.61 -3.09 -8.87
CA PRO A 56 6.03 -2.70 -10.16
C PRO A 56 6.37 -1.25 -10.52
N GLY A 57 6.32 -0.95 -11.81
CA GLY A 57 6.62 0.39 -12.27
C GLY A 57 6.12 0.66 -13.67
ZN ZN B . 5.03 -8.98 -1.67
N GLY A 1 -21.44 -3.64 -43.79
CA GLY A 1 -21.28 -2.77 -42.64
C GLY A 1 -21.67 -3.45 -41.34
N SER A 2 -22.95 -3.35 -40.99
CA SER A 2 -23.45 -3.95 -39.75
C SER A 2 -23.92 -5.38 -40.00
N SER A 3 -23.13 -6.34 -39.55
CA SER A 3 -23.46 -7.75 -39.72
C SER A 3 -23.20 -8.55 -38.44
N GLY A 4 -24.10 -9.47 -38.13
CA GLY A 4 -23.95 -10.28 -36.93
C GLY A 4 -23.05 -11.47 -37.14
N SER A 5 -21.77 -11.33 -36.81
CA SER A 5 -20.80 -12.41 -36.99
C SER A 5 -20.87 -13.39 -35.82
N SER A 6 -21.96 -13.29 -35.05
CA SER A 6 -22.15 -14.18 -33.90
C SER A 6 -23.63 -14.33 -33.57
N GLY A 7 -23.94 -15.34 -32.76
CA GLY A 7 -25.33 -15.57 -32.39
C GLY A 7 -26.05 -14.30 -32.01
N SER A 8 -26.08 -14.00 -30.72
CA SER A 8 -26.76 -12.80 -30.23
C SER A 8 -26.36 -12.51 -28.80
N SER A 9 -26.84 -11.38 -28.28
CA SER A 9 -26.53 -10.97 -26.91
C SER A 9 -27.80 -10.62 -26.14
N SER A 10 -27.99 -11.26 -24.99
CA SER A 10 -29.16 -11.02 -24.17
C SER A 10 -28.90 -9.93 -23.14
N SER A 11 -27.77 -10.03 -22.46
CA SER A 11 -27.40 -9.05 -21.45
C SER A 11 -28.44 -9.00 -20.32
N CYS A 12 -28.89 -10.17 -19.90
CA CYS A 12 -29.88 -10.27 -18.83
C CYS A 12 -29.24 -10.75 -17.54
N THR A 13 -28.29 -11.67 -17.66
CA THR A 13 -27.60 -12.22 -16.50
C THR A 13 -26.86 -11.12 -15.74
N VAL A 14 -26.98 -11.14 -14.42
CA VAL A 14 -26.31 -10.15 -13.58
C VAL A 14 -24.96 -10.65 -13.10
N THR A 15 -23.91 -9.91 -13.44
CA THR A 15 -22.55 -10.29 -13.05
C THR A 15 -22.18 -9.68 -11.71
N THR A 16 -21.76 -10.52 -10.77
CA THR A 16 -21.37 -10.06 -9.45
C THR A 16 -19.88 -10.28 -9.20
N GLY A 17 -19.34 -9.62 -8.18
CA GLY A 17 -17.94 -9.78 -7.85
C GLY A 17 -17.71 -10.28 -6.44
N THR A 18 -17.09 -9.46 -5.61
CA THR A 18 -16.81 -9.83 -4.23
C THR A 18 -17.56 -8.92 -3.25
N LEU A 19 -18.29 -9.54 -2.32
CA LEU A 19 -19.04 -8.78 -1.32
C LEU A 19 -18.15 -7.79 -0.60
N GLY A 20 -16.94 -8.23 -0.23
CA GLY A 20 -16.02 -7.37 0.47
C GLY A 20 -14.66 -7.31 -0.20
N PHE A 21 -14.38 -6.21 -0.89
CA PHE A 21 -13.12 -6.03 -1.59
C PHE A 21 -11.95 -6.15 -0.61
N GLY A 22 -12.03 -5.43 0.49
CA GLY A 22 -10.98 -5.46 1.49
C GLY A 22 -10.14 -4.20 1.48
N ASP A 23 -9.19 -4.12 0.55
CA ASP A 23 -8.32 -2.97 0.44
C ASP A 23 -9.10 -1.73 0.00
N LYS A 24 -8.69 -0.57 0.50
CA LYS A 24 -9.35 0.68 0.16
C LYS A 24 -9.18 1.01 -1.31
N PHE A 25 -10.12 1.77 -1.87
CA PHE A 25 -10.05 2.15 -3.27
C PHE A 25 -8.82 3.01 -3.55
N LYS A 26 -8.58 3.98 -2.68
CA LYS A 26 -7.43 4.88 -2.83
C LYS A 26 -6.13 4.11 -2.66
N ARG A 27 -5.17 4.37 -3.55
CA ARG A 27 -3.87 3.70 -3.48
C ARG A 27 -2.85 4.56 -2.75
N PRO A 28 -1.86 3.90 -2.12
CA PRO A 28 -0.81 4.59 -1.37
C PRO A 28 0.14 5.36 -2.27
N ILE A 29 0.37 6.63 -1.94
CA ILE A 29 1.26 7.47 -2.73
C ILE A 29 2.73 7.21 -2.36
N GLY A 30 3.02 7.29 -1.06
CA GLY A 30 4.38 7.07 -0.60
C GLY A 30 4.86 5.65 -0.86
N SER A 31 4.39 4.72 -0.04
CA SER A 31 4.79 3.32 -0.18
C SER A 31 4.13 2.70 -1.41
N TRP A 32 4.46 1.44 -1.68
CA TRP A 32 3.91 0.73 -2.83
C TRP A 32 3.34 -0.62 -2.40
N GLU A 33 2.05 -0.82 -2.66
CA GLU A 33 1.38 -2.07 -2.30
C GLU A 33 1.75 -3.19 -3.28
N CYS A 34 2.05 -4.36 -2.74
CA CYS A 34 2.42 -5.50 -3.56
C CYS A 34 1.21 -6.09 -4.27
N SER A 35 1.46 -7.01 -5.20
CA SER A 35 0.39 -7.64 -5.96
C SER A 35 0.32 -9.13 -5.67
N VAL A 36 1.49 -9.75 -5.50
CA VAL A 36 1.57 -11.17 -5.22
C VAL A 36 1.13 -11.48 -3.78
N CYS A 37 1.59 -10.66 -2.85
CA CYS A 37 1.24 -10.84 -1.45
C CYS A 37 0.41 -9.66 -0.93
N CYS A 38 0.44 -8.56 -1.67
CA CYS A 38 -0.31 -7.37 -1.30
C CYS A 38 0.05 -6.93 0.11
N VAL A 39 1.35 -6.88 0.40
CA VAL A 39 1.83 -6.47 1.72
C VAL A 39 2.53 -5.11 1.65
N SER A 40 2.37 -4.32 2.72
CA SER A 40 2.98 -3.00 2.79
C SER A 40 4.49 -3.10 2.61
N ASN A 41 5.05 -2.14 1.86
CA ASN A 41 6.49 -2.11 1.62
C ASN A 41 7.04 -0.70 1.80
N ASN A 42 8.36 -0.56 1.65
CA ASN A 42 9.01 0.74 1.79
C ASN A 42 9.28 1.37 0.44
N ALA A 43 8.89 2.63 0.28
CA ALA A 43 9.09 3.34 -0.97
C ALA A 43 10.50 3.13 -1.50
N GLU A 44 11.49 3.30 -0.63
CA GLU A 44 12.88 3.12 -1.01
C GLU A 44 13.16 1.68 -1.41
N ASP A 45 12.68 0.74 -0.60
CA ASP A 45 12.87 -0.68 -0.86
C ASP A 45 12.36 -1.05 -2.24
N ASN A 46 13.28 -1.39 -3.15
CA ASN A 46 12.91 -1.76 -4.51
C ASN A 46 12.48 -3.22 -4.56
N LYS A 47 12.24 -3.81 -3.41
CA LYS A 47 11.81 -5.21 -3.33
C LYS A 47 10.91 -5.43 -2.12
N CYS A 48 10.13 -6.51 -2.15
CA CYS A 48 9.22 -6.83 -1.06
C CYS A 48 9.97 -7.55 0.06
N VAL A 49 9.27 -7.78 1.18
CA VAL A 49 9.87 -8.46 2.32
C VAL A 49 9.14 -9.77 2.63
N SER A 50 7.83 -9.75 2.45
CA SER A 50 7.01 -10.93 2.71
C SER A 50 7.21 -11.98 1.61
N CYS A 51 7.24 -11.52 0.37
CA CYS A 51 7.43 -12.41 -0.77
C CYS A 51 8.77 -12.16 -1.46
N MET A 52 9.34 -10.98 -1.19
CA MET A 52 10.62 -10.62 -1.79
C MET A 52 10.53 -10.56 -3.31
N SER A 53 9.47 -9.92 -3.81
CA SER A 53 9.26 -9.79 -5.25
C SER A 53 9.65 -8.40 -5.73
N GLU A 54 9.98 -8.31 -7.01
CA GLU A 54 10.38 -7.03 -7.60
C GLU A 54 9.25 -6.00 -7.48
N LYS A 55 9.64 -4.74 -7.31
CA LYS A 55 8.66 -3.66 -7.19
C LYS A 55 8.30 -3.09 -8.56
N PRO A 56 7.00 -2.82 -8.76
CA PRO A 56 6.50 -2.27 -10.03
C PRO A 56 6.95 -0.82 -10.25
N GLY A 57 6.42 -0.21 -11.30
CA GLY A 57 6.78 1.17 -11.61
C GLY A 57 5.56 2.05 -11.84
ZN ZN B . 5.09 -8.93 -1.80
N GLY A 1 19.11 -1.82 -29.65
CA GLY A 1 20.16 -0.96 -29.17
C GLY A 1 19.75 0.50 -29.11
N SER A 2 20.10 1.25 -30.15
CA SER A 2 19.76 2.67 -30.21
C SER A 2 18.26 2.88 -29.99
N SER A 3 17.45 2.22 -30.82
CA SER A 3 16.01 2.34 -30.72
C SER A 3 15.39 1.06 -30.17
N GLY A 4 14.51 1.21 -29.18
CA GLY A 4 13.87 0.06 -28.58
C GLY A 4 12.40 -0.05 -28.94
N SER A 5 11.94 -1.26 -29.20
CA SER A 5 10.55 -1.49 -29.57
C SER A 5 9.69 -1.72 -28.33
N SER A 6 8.38 -1.58 -28.51
CA SER A 6 7.45 -1.76 -27.40
C SER A 6 7.35 -3.23 -27.01
N GLY A 7 6.67 -3.49 -25.89
CA GLY A 7 6.51 -4.86 -25.43
C GLY A 7 7.40 -5.16 -24.23
N SER A 8 6.96 -4.73 -23.05
CA SER A 8 7.72 -4.96 -21.83
C SER A 8 6.81 -5.37 -20.68
N SER A 9 6.87 -6.65 -20.32
CA SER A 9 6.04 -7.17 -19.24
C SER A 9 6.75 -8.30 -18.50
N SER A 10 6.91 -8.13 -17.18
CA SER A 10 7.57 -9.11 -16.35
C SER A 10 6.83 -9.33 -15.04
N SER A 11 6.49 -10.59 -14.76
CA SER A 11 5.77 -10.94 -13.55
C SER A 11 4.52 -10.07 -13.39
N CYS A 12 3.84 -9.84 -14.51
CA CYS A 12 2.61 -9.04 -14.51
C CYS A 12 1.37 -9.92 -14.63
N THR A 13 0.40 -9.69 -13.75
CA THR A 13 -0.83 -10.46 -13.77
C THR A 13 -1.99 -9.66 -14.37
N VAL A 14 -2.65 -10.24 -15.35
CA VAL A 14 -3.77 -9.58 -16.02
C VAL A 14 -5.02 -9.63 -15.15
N THR A 15 -5.16 -10.70 -14.38
CA THR A 15 -6.32 -10.88 -13.50
C THR A 15 -5.87 -11.12 -12.06
N THR A 16 -6.62 -10.56 -11.12
CA THR A 16 -6.32 -10.72 -9.70
C THR A 16 -7.59 -10.78 -8.86
N GLY A 17 -7.50 -11.43 -7.71
CA GLY A 17 -8.65 -11.54 -6.84
C GLY A 17 -9.39 -10.23 -6.68
N THR A 18 -10.62 -10.18 -7.18
CA THR A 18 -11.44 -8.99 -7.09
C THR A 18 -11.70 -8.60 -5.64
N LEU A 19 -11.14 -7.47 -5.23
CA LEU A 19 -11.30 -6.99 -3.85
C LEU A 19 -12.59 -6.17 -3.72
N GLY A 20 -13.56 -6.72 -3.00
CA GLY A 20 -14.82 -6.02 -2.81
C GLY A 20 -14.63 -4.63 -2.21
N PHE A 21 -14.63 -4.57 -0.89
CA PHE A 21 -14.46 -3.29 -0.19
C PHE A 21 -13.00 -2.84 -0.23
N GLY A 22 -12.11 -3.69 0.25
CA GLY A 22 -10.70 -3.36 0.26
C GLY A 22 -10.25 -2.77 1.57
N ASP A 23 -8.96 -2.47 1.68
CA ASP A 23 -8.40 -1.88 2.90
C ASP A 23 -8.88 -0.45 3.08
N LYS A 24 -8.69 0.37 2.04
CA LYS A 24 -9.11 1.76 2.09
C LYS A 24 -9.64 2.22 0.74
N PHE A 25 -10.30 3.38 0.72
CA PHE A 25 -10.86 3.92 -0.51
C PHE A 25 -9.75 4.40 -1.45
N LYS A 26 -8.77 5.09 -0.88
CA LYS A 26 -7.65 5.61 -1.66
C LYS A 26 -6.41 4.76 -1.46
N ARG A 27 -5.35 5.08 -2.20
CA ARG A 27 -4.09 4.33 -2.10
C ARG A 27 -3.18 4.95 -1.05
N PRO A 28 -2.31 4.12 -0.45
CA PRO A 28 -1.36 4.56 0.57
C PRO A 28 -0.27 5.46 0.00
N ILE A 29 -0.15 6.66 0.55
CA ILE A 29 0.87 7.61 0.11
C ILE A 29 2.27 7.11 0.42
N GLY A 30 3.21 7.35 -0.49
CA GLY A 30 4.57 6.92 -0.28
C GLY A 30 4.76 5.44 -0.55
N SER A 31 4.31 4.61 0.38
CA SER A 31 4.45 3.16 0.25
C SER A 31 3.73 2.67 -1.01
N TRP A 32 3.94 1.40 -1.33
CA TRP A 32 3.31 0.81 -2.51
C TRP A 32 2.72 -0.56 -2.18
N GLU A 33 1.47 -0.77 -2.61
CA GLU A 33 0.78 -2.02 -2.35
C GLU A 33 1.32 -3.13 -3.24
N CYS A 34 1.88 -4.17 -2.63
CA CYS A 34 2.43 -5.30 -3.36
C CYS A 34 1.35 -5.97 -4.21
N SER A 35 1.79 -6.73 -5.22
CA SER A 35 0.87 -7.44 -6.10
C SER A 35 0.85 -8.93 -5.79
N VAL A 36 1.99 -9.45 -5.33
CA VAL A 36 2.10 -10.86 -5.00
C VAL A 36 1.38 -11.18 -3.70
N CYS A 37 1.82 -10.54 -2.62
CA CYS A 37 1.21 -10.76 -1.31
C CYS A 37 0.39 -9.55 -0.88
N CYS A 38 0.67 -8.40 -1.48
CA CYS A 38 -0.05 -7.16 -1.17
C CYS A 38 0.23 -6.73 0.27
N VAL A 39 1.49 -6.84 0.68
CA VAL A 39 1.88 -6.46 2.04
C VAL A 39 2.63 -5.13 2.02
N SER A 40 2.47 -4.36 3.10
CA SER A 40 3.14 -3.07 3.22
C SER A 40 4.63 -3.20 2.97
N ASN A 41 5.20 -2.23 2.26
CA ASN A 41 6.62 -2.24 1.95
C ASN A 41 7.21 -0.82 2.07
N ASN A 42 8.53 -0.74 1.99
CA ASN A 42 9.22 0.54 2.09
C ASN A 42 9.34 1.20 0.72
N ALA A 43 8.75 2.39 0.58
CA ALA A 43 8.81 3.13 -0.68
C ALA A 43 10.18 3.01 -1.32
N GLU A 44 11.23 3.15 -0.51
CA GLU A 44 12.59 3.07 -1.01
C GLU A 44 12.93 1.65 -1.45
N ASP A 45 12.43 0.67 -0.70
CA ASP A 45 12.67 -0.74 -1.01
C ASP A 45 12.15 -1.08 -2.40
N ASN A 46 13.07 -1.43 -3.30
CA ASN A 46 12.70 -1.79 -4.66
C ASN A 46 12.17 -3.21 -4.74
N LYS A 47 11.91 -3.80 -3.57
CA LYS A 47 11.39 -5.16 -3.49
C LYS A 47 10.51 -5.35 -2.26
N CYS A 48 9.89 -6.51 -2.15
CA CYS A 48 9.02 -6.82 -1.02
C CYS A 48 9.81 -7.49 0.10
N VAL A 49 9.17 -7.64 1.26
CA VAL A 49 9.80 -8.27 2.41
C VAL A 49 9.09 -9.57 2.79
N SER A 50 7.84 -9.70 2.36
CA SER A 50 7.05 -10.89 2.66
C SER A 50 7.20 -11.93 1.55
N CYS A 51 7.26 -11.46 0.31
CA CYS A 51 7.40 -12.35 -0.84
C CYS A 51 8.70 -12.07 -1.59
N MET A 52 9.40 -11.01 -1.17
CA MET A 52 10.65 -10.64 -1.81
C MET A 52 10.48 -10.50 -3.32
N SER A 53 9.35 -9.94 -3.74
CA SER A 53 9.06 -9.77 -5.17
C SER A 53 9.74 -8.52 -5.70
N GLU A 54 9.58 -8.28 -6.99
CA GLU A 54 10.18 -7.11 -7.64
C GLU A 54 9.18 -5.96 -7.73
N LYS A 55 9.68 -4.74 -7.67
CA LYS A 55 8.82 -3.56 -7.74
C LYS A 55 8.62 -3.13 -9.20
N PRO A 56 7.36 -2.85 -9.56
CA PRO A 56 7.01 -2.43 -10.91
C PRO A 56 7.51 -1.02 -11.23
N GLY A 57 7.22 -0.56 -12.45
CA GLY A 57 7.66 0.77 -12.86
C GLY A 57 6.54 1.59 -13.46
ZN ZN B . 4.85 -8.96 -1.50
N GLY A 1 -4.53 12.42 -12.28
CA GLY A 1 -4.37 10.99 -12.11
C GLY A 1 -4.58 10.54 -10.68
N SER A 2 -5.79 10.06 -10.39
CA SER A 2 -6.12 9.61 -9.04
C SER A 2 -5.80 8.12 -8.87
N SER A 3 -5.38 7.75 -7.67
CA SER A 3 -5.04 6.36 -7.38
C SER A 3 -6.30 5.51 -7.26
N GLY A 4 -6.10 4.19 -7.24
CA GLY A 4 -7.24 3.29 -7.14
C GLY A 4 -7.72 3.12 -5.71
N SER A 5 -8.50 4.09 -5.24
CA SER A 5 -9.02 4.05 -3.88
C SER A 5 -10.52 4.29 -3.87
N SER A 6 -11.25 3.45 -3.15
CA SER A 6 -12.69 3.56 -3.06
C SER A 6 -13.18 3.31 -1.63
N GLY A 7 -13.64 4.37 -0.98
CA GLY A 7 -14.12 4.24 0.39
C GLY A 7 -13.95 5.52 1.18
N SER A 8 -14.55 5.56 2.37
CA SER A 8 -14.46 6.74 3.22
C SER A 8 -14.34 6.34 4.69
N SER A 9 -13.28 6.80 5.33
CA SER A 9 -13.04 6.48 6.74
C SER A 9 -13.89 7.38 7.65
N SER A 10 -14.53 6.76 8.64
CA SER A 10 -15.38 7.49 9.57
C SER A 10 -14.56 8.00 10.75
N SER A 11 -14.82 9.25 11.15
CA SER A 11 -14.10 9.86 12.26
C SER A 11 -14.89 9.72 13.56
N CYS A 12 -14.23 9.91 14.68
CA CYS A 12 -14.87 9.81 15.99
C CYS A 12 -14.48 10.99 16.88
N THR A 13 -15.46 11.48 17.64
CA THR A 13 -15.22 12.61 18.54
C THR A 13 -15.84 12.36 19.90
N VAL A 14 -15.16 12.80 20.95
CA VAL A 14 -15.64 12.63 22.32
C VAL A 14 -15.91 11.16 22.63
N THR A 15 -14.94 10.31 22.29
CA THR A 15 -15.06 8.88 22.54
C THR A 15 -14.50 8.50 23.90
N THR A 16 -15.10 7.50 24.53
CA THR A 16 -14.66 7.03 25.83
C THR A 16 -13.14 7.10 25.96
N GLY A 17 -12.45 6.51 24.98
CA GLY A 17 -11.00 6.52 25.00
C GLY A 17 -10.42 7.89 25.29
N THR A 18 -9.15 7.93 25.64
CA THR A 18 -8.47 9.18 25.95
C THR A 18 -8.27 10.02 24.69
N LEU A 19 -8.44 11.33 24.81
CA LEU A 19 -8.27 12.24 23.69
C LEU A 19 -6.87 12.12 23.10
N GLY A 20 -5.86 12.32 23.95
CA GLY A 20 -4.48 12.23 23.49
C GLY A 20 -3.52 11.92 24.62
N PHE A 21 -3.29 10.63 24.86
CA PHE A 21 -2.39 10.20 25.92
C PHE A 21 -1.07 9.69 25.34
N GLY A 22 -1.17 8.98 24.22
CA GLY A 22 0.02 8.43 23.57
C GLY A 22 0.56 9.34 22.50
N ASP A 23 1.78 9.07 22.05
CA ASP A 23 2.42 9.86 21.00
C ASP A 23 1.87 9.48 19.63
N LYS A 24 1.99 10.40 18.68
CA LYS A 24 1.53 10.16 17.32
C LYS A 24 2.60 9.48 16.48
N PHE A 25 2.24 8.35 15.87
CA PHE A 25 3.17 7.60 15.05
C PHE A 25 3.48 8.35 13.75
N LYS A 26 4.40 7.80 12.96
CA LYS A 26 4.79 8.43 11.70
C LYS A 26 4.25 7.64 10.51
N ARG A 27 3.81 8.36 9.48
CA ARG A 27 3.27 7.73 8.29
C ARG A 27 4.36 7.49 7.25
N PRO A 28 4.16 6.47 6.40
CA PRO A 28 5.12 6.13 5.35
C PRO A 28 5.16 7.17 4.24
N ILE A 29 6.31 7.24 3.55
CA ILE A 29 6.49 8.20 2.47
C ILE A 29 6.42 7.51 1.11
N GLY A 30 5.31 7.73 0.40
CA GLY A 30 5.14 7.12 -0.91
C GLY A 30 5.08 5.60 -0.84
N SER A 31 4.34 5.09 0.13
CA SER A 31 4.21 3.64 0.31
C SER A 31 3.66 3.00 -0.96
N TRP A 32 3.89 1.70 -1.10
CA TRP A 32 3.41 0.95 -2.26
C TRP A 32 3.03 -0.47 -1.88
N GLU A 33 1.81 -0.87 -2.25
CA GLU A 33 1.32 -2.21 -1.94
C GLU A 33 1.79 -3.22 -2.97
N CYS A 34 1.89 -4.47 -2.57
CA CYS A 34 2.34 -5.54 -3.46
C CYS A 34 1.17 -6.10 -4.26
N SER A 35 1.49 -6.96 -5.22
CA SER A 35 0.46 -7.58 -6.06
C SER A 35 0.45 -9.10 -5.89
N VAL A 36 1.64 -9.66 -5.68
CA VAL A 36 1.77 -11.10 -5.50
C VAL A 36 1.33 -11.53 -4.10
N CYS A 37 1.65 -10.71 -3.11
CA CYS A 37 1.27 -10.99 -1.73
C CYS A 37 0.34 -9.92 -1.18
N CYS A 38 0.33 -8.76 -1.84
CA CYS A 38 -0.52 -7.65 -1.42
C CYS A 38 -0.13 -7.18 -0.02
N VAL A 39 1.16 -6.97 0.20
CA VAL A 39 1.66 -6.51 1.49
C VAL A 39 2.32 -5.16 1.37
N SER A 40 2.08 -4.30 2.36
CA SER A 40 2.66 -2.95 2.37
C SER A 40 4.17 -3.01 2.48
N ASN A 41 4.85 -2.01 1.92
CA ASN A 41 6.29 -1.95 1.96
C ASN A 41 6.78 -0.50 1.89
N ASN A 42 8.10 -0.32 1.98
CA ASN A 42 8.68 1.01 1.93
C ASN A 42 9.12 1.36 0.51
N ALA A 43 8.88 2.60 0.10
CA ALA A 43 9.25 3.06 -1.23
C ALA A 43 10.74 2.81 -1.50
N GLU A 44 11.58 3.29 -0.59
CA GLU A 44 13.02 3.13 -0.73
C GLU A 44 13.37 1.71 -1.19
N ASP A 45 12.72 0.72 -0.59
CA ASP A 45 12.95 -0.68 -0.94
C ASP A 45 12.45 -0.98 -2.34
N ASN A 46 13.37 -1.35 -3.24
CA ASN A 46 13.01 -1.66 -4.61
C ASN A 46 12.47 -3.09 -4.72
N LYS A 47 12.12 -3.67 -3.58
CA LYS A 47 11.59 -5.02 -3.56
C LYS A 47 10.69 -5.22 -2.33
N CYS A 48 10.04 -6.39 -2.26
CA CYS A 48 9.15 -6.71 -1.15
C CYS A 48 9.93 -7.35 -0.01
N VAL A 49 9.25 -7.53 1.13
CA VAL A 49 9.87 -8.13 2.29
C VAL A 49 9.22 -9.46 2.64
N SER A 50 7.91 -9.57 2.36
CA SER A 50 7.17 -10.79 2.65
C SER A 50 7.41 -11.84 1.58
N CYS A 51 7.41 -11.40 0.32
CA CYS A 51 7.63 -12.31 -0.80
C CYS A 51 8.96 -12.01 -1.47
N MET A 52 9.48 -10.81 -1.26
CA MET A 52 10.74 -10.40 -1.85
C MET A 52 10.66 -10.39 -3.37
N SER A 53 9.59 -9.79 -3.89
CA SER A 53 9.39 -9.71 -5.34
C SER A 53 9.74 -8.32 -5.86
N GLU A 54 10.25 -8.28 -7.09
CA GLU A 54 10.63 -7.01 -7.71
C GLU A 54 9.48 -6.00 -7.64
N LYS A 55 9.80 -4.79 -7.19
CA LYS A 55 8.80 -3.73 -7.08
C LYS A 55 8.25 -3.34 -8.45
N PRO A 56 6.92 -3.26 -8.56
CA PRO A 56 6.25 -2.89 -9.81
C PRO A 56 6.48 -1.43 -10.18
N GLY A 57 5.77 -0.97 -11.21
CA GLY A 57 5.90 0.40 -11.65
C GLY A 57 7.04 0.59 -12.63
ZN ZN B . 5.11 -8.95 -1.85
N GLY A 1 24.32 -3.28 -9.98
CA GLY A 1 24.75 -4.22 -11.00
C GLY A 1 23.76 -4.34 -12.13
N SER A 2 23.50 -3.23 -12.80
CA SER A 2 22.55 -3.22 -13.91
C SER A 2 23.08 -4.03 -15.09
N SER A 3 22.17 -4.64 -15.84
CA SER A 3 22.55 -5.46 -16.98
C SER A 3 21.48 -5.39 -18.07
N GLY A 4 21.82 -4.76 -19.20
CA GLY A 4 20.89 -4.63 -20.29
C GLY A 4 19.61 -3.92 -19.89
N SER A 5 19.55 -2.62 -20.18
CA SER A 5 18.38 -1.82 -19.84
C SER A 5 17.81 -1.13 -21.08
N SER A 6 16.51 -0.85 -21.05
CA SER A 6 15.84 -0.20 -22.18
C SER A 6 14.58 0.51 -21.71
N GLY A 7 14.50 1.81 -21.99
CA GLY A 7 13.34 2.59 -21.60
C GLY A 7 12.21 2.49 -22.60
N SER A 8 11.09 1.93 -22.17
CA SER A 8 9.92 1.77 -23.04
C SER A 8 8.86 2.81 -22.71
N SER A 9 8.11 3.22 -23.74
CA SER A 9 7.06 4.21 -23.57
C SER A 9 5.79 3.58 -23.04
N SER A 10 5.47 3.86 -21.78
CA SER A 10 4.27 3.31 -21.16
C SER A 10 3.14 4.34 -21.13
N SER A 11 1.94 3.88 -20.79
CA SER A 11 0.77 4.77 -20.73
C SER A 11 0.84 5.66 -19.49
N CYS A 12 0.53 6.94 -19.68
CA CYS A 12 0.55 7.90 -18.58
C CYS A 12 -0.65 7.69 -17.66
N THR A 13 -0.59 8.30 -16.48
CA THR A 13 -1.67 8.18 -15.51
C THR A 13 -2.99 8.66 -16.10
N VAL A 14 -3.93 7.73 -16.28
CA VAL A 14 -5.23 8.06 -16.83
C VAL A 14 -6.34 7.79 -15.82
N THR A 15 -7.40 8.60 -15.87
CA THR A 15 -8.51 8.46 -14.96
C THR A 15 -8.08 8.66 -13.51
N THR A 16 -7.23 9.66 -13.28
CA THR A 16 -6.74 9.95 -11.94
C THR A 16 -7.88 10.38 -11.02
N GLY A 17 -8.76 11.22 -11.54
CA GLY A 17 -9.88 11.69 -10.75
C GLY A 17 -11.10 10.80 -10.86
N THR A 18 -10.89 9.50 -10.63
CA THR A 18 -11.98 8.52 -10.71
C THR A 18 -13.15 8.95 -9.84
N LEU A 19 -14.30 9.16 -10.48
CA LEU A 19 -15.51 9.57 -9.76
C LEU A 19 -16.07 8.41 -8.94
N GLY A 20 -16.03 7.20 -9.51
CA GLY A 20 -16.53 6.04 -8.81
C GLY A 20 -15.84 5.82 -7.47
N PHE A 21 -16.53 6.16 -6.39
CA PHE A 21 -15.98 5.99 -5.06
C PHE A 21 -15.91 4.52 -4.67
N GLY A 22 -14.94 4.17 -3.83
CA GLY A 22 -14.79 2.80 -3.39
C GLY A 22 -13.34 2.36 -3.36
N ASP A 23 -12.71 2.49 -2.19
CA ASP A 23 -11.31 2.10 -2.03
C ASP A 23 -11.04 1.61 -0.61
N LYS A 24 -9.95 0.88 -0.44
CA LYS A 24 -9.58 0.35 0.87
C LYS A 24 -9.27 1.49 1.84
N PHE A 25 -9.96 1.49 2.98
CA PHE A 25 -9.75 2.51 4.00
C PHE A 25 -8.56 2.17 4.88
N LYS A 26 -8.02 3.19 5.54
CA LYS A 26 -6.88 3.00 6.44
C LYS A 26 -5.68 2.48 5.65
N ARG A 27 -5.47 3.01 4.46
CA ARG A 27 -4.35 2.59 3.62
C ARG A 27 -3.11 3.44 3.90
N PRO A 28 -1.92 2.85 3.67
CA PRO A 28 -0.65 3.53 3.89
C PRO A 28 -0.40 4.65 2.88
N ILE A 29 0.37 5.66 3.29
CA ILE A 29 0.68 6.78 2.41
C ILE A 29 2.15 6.80 2.04
N GLY A 30 2.43 6.63 0.75
CA GLY A 30 3.81 6.62 0.27
C GLY A 30 4.27 5.23 -0.14
N SER A 31 3.95 4.23 0.67
CA SER A 31 4.34 2.86 0.38
C SER A 31 3.71 2.38 -0.93
N TRP A 32 4.23 1.27 -1.46
CA TRP A 32 3.71 0.72 -2.70
C TRP A 32 3.03 -0.62 -2.45
N GLU A 33 1.77 -0.72 -2.89
CA GLU A 33 1.01 -1.95 -2.70
C GLU A 33 1.58 -3.08 -3.55
N CYS A 34 2.11 -4.10 -2.89
CA CYS A 34 2.69 -5.25 -3.57
C CYS A 34 1.67 -5.92 -4.48
N SER A 35 2.14 -6.75 -5.40
CA SER A 35 1.27 -7.44 -6.33
C SER A 35 1.16 -8.93 -5.96
N VAL A 36 2.25 -9.48 -5.44
CA VAL A 36 2.28 -10.88 -5.05
C VAL A 36 1.47 -11.12 -3.78
N CYS A 37 1.89 -10.47 -2.69
CA CYS A 37 1.21 -10.61 -1.41
C CYS A 37 0.38 -9.36 -1.11
N CYS A 38 0.71 -8.25 -1.76
CA CYS A 38 -0.01 -7.00 -1.55
C CYS A 38 0.16 -6.51 -0.11
N VAL A 39 1.40 -6.51 0.38
CA VAL A 39 1.69 -6.07 1.73
C VAL A 39 2.49 -4.77 1.72
N SER A 40 2.28 -3.94 2.73
CA SER A 40 2.98 -2.67 2.83
C SER A 40 4.49 -2.89 2.86
N ASN A 41 5.23 -1.89 2.36
CA ASN A 41 6.68 -1.98 2.33
C ASN A 41 7.30 -0.58 2.26
N ASN A 42 8.63 -0.53 2.29
CA ASN A 42 9.35 0.74 2.23
C ASN A 42 9.44 1.26 0.79
N ALA A 43 9.10 2.52 0.61
CA ALA A 43 9.14 3.14 -0.72
C ALA A 43 10.51 2.96 -1.36
N GLU A 44 11.55 3.22 -0.58
CA GLU A 44 12.93 3.10 -1.08
C GLU A 44 13.21 1.67 -1.53
N ASP A 45 12.69 0.71 -0.77
CA ASP A 45 12.90 -0.71 -1.09
C ASP A 45 12.34 -1.03 -2.47
N ASN A 46 13.22 -1.41 -3.38
CA ASN A 46 12.82 -1.76 -4.74
C ASN A 46 12.29 -3.19 -4.81
N LYS A 47 11.99 -3.76 -3.65
CA LYS A 47 11.48 -5.12 -3.58
C LYS A 47 10.65 -5.32 -2.30
N CYS A 48 9.86 -6.40 -2.28
CA CYS A 48 9.03 -6.70 -1.13
C CYS A 48 9.84 -7.39 -0.04
N VAL A 49 9.23 -7.56 1.13
CA VAL A 49 9.90 -8.20 2.26
C VAL A 49 9.19 -9.49 2.66
N SER A 50 7.87 -9.49 2.51
CA SER A 50 7.06 -10.66 2.86
C SER A 50 7.23 -11.76 1.81
N CYS A 51 7.21 -11.36 0.54
CA CYS A 51 7.35 -12.31 -0.56
C CYS A 51 8.66 -12.10 -1.30
N MET A 52 9.25 -10.91 -1.13
CA MET A 52 10.50 -10.57 -1.78
C MET A 52 10.35 -10.60 -3.30
N SER A 53 9.28 -10.00 -3.80
CA SER A 53 9.02 -9.96 -5.24
C SER A 53 9.54 -8.67 -5.85
N GLU A 54 9.55 -8.61 -7.18
CA GLU A 54 10.02 -7.42 -7.88
C GLU A 54 8.95 -6.33 -7.88
N LYS A 55 9.38 -5.10 -7.61
CA LYS A 55 8.47 -3.96 -7.57
C LYS A 55 8.19 -3.44 -8.98
N PRO A 56 6.90 -3.23 -9.28
CA PRO A 56 6.48 -2.73 -10.59
C PRO A 56 6.88 -1.28 -10.82
N GLY A 57 6.95 -0.88 -12.09
CA GLY A 57 7.32 0.48 -12.41
C GLY A 57 6.16 1.45 -12.27
ZN ZN B . 4.90 -8.92 -1.54
N GLY A 1 23.69 -10.27 5.39
CA GLY A 1 25.13 -10.48 5.37
C GLY A 1 25.50 -11.95 5.44
N SER A 2 26.20 -12.44 4.42
CA SER A 2 26.61 -13.84 4.38
C SER A 2 27.87 -14.06 5.22
N SER A 3 28.20 -13.07 6.04
CA SER A 3 29.38 -13.15 6.90
C SER A 3 29.05 -13.85 8.21
N GLY A 4 28.09 -13.29 8.95
CA GLY A 4 27.69 -13.88 10.21
C GLY A 4 26.33 -13.39 10.68
N SER A 5 25.32 -14.24 10.52
CA SER A 5 23.96 -13.88 10.92
C SER A 5 23.11 -15.13 11.11
N SER A 6 22.03 -14.99 11.87
CA SER A 6 21.13 -16.11 12.14
C SER A 6 20.11 -16.27 11.01
N GLY A 7 19.66 -17.50 10.80
CA GLY A 7 18.69 -17.77 9.76
C GLY A 7 17.26 -17.57 10.23
N SER A 8 16.70 -18.59 10.87
CA SER A 8 15.34 -18.53 11.37
C SER A 8 15.17 -17.40 12.38
N SER A 9 13.95 -16.90 12.51
CA SER A 9 13.67 -15.81 13.44
C SER A 9 12.25 -15.93 13.99
N SER A 10 11.95 -15.13 15.01
CA SER A 10 10.63 -15.14 15.63
C SER A 10 9.91 -13.80 15.42
N SER A 11 8.90 -13.81 14.56
CA SER A 11 8.14 -12.61 14.25
C SER A 11 6.63 -12.89 14.30
N CYS A 12 5.84 -11.84 14.12
CA CYS A 12 4.39 -11.97 14.14
C CYS A 12 3.87 -12.56 12.84
N THR A 13 2.99 -13.54 12.95
CA THR A 13 2.41 -14.19 11.78
C THR A 13 1.50 -13.25 11.01
N VAL A 14 0.47 -12.75 11.69
CA VAL A 14 -0.48 -11.83 11.06
C VAL A 14 -0.54 -10.51 11.84
N THR A 15 -0.09 -9.43 11.19
CA THR A 15 -0.10 -8.11 11.81
C THR A 15 -1.52 -7.63 12.05
N THR A 16 -2.38 -7.83 11.06
CA THR A 16 -3.77 -7.41 11.15
C THR A 16 -4.72 -8.51 10.67
N GLY A 17 -5.84 -8.66 11.37
CA GLY A 17 -6.81 -9.68 10.99
C GLY A 17 -7.52 -9.35 9.71
N THR A 18 -7.79 -8.07 9.48
CA THR A 18 -8.47 -7.62 8.28
C THR A 18 -7.51 -7.52 7.10
N LEU A 19 -6.35 -8.15 7.24
CA LEU A 19 -5.34 -8.13 6.18
C LEU A 19 -5.94 -8.53 4.84
N GLY A 20 -5.32 -8.08 3.76
CA GLY A 20 -5.82 -8.41 2.43
C GLY A 20 -6.46 -7.23 1.73
N PHE A 21 -7.76 -7.04 1.97
CA PHE A 21 -8.50 -5.95 1.36
C PHE A 21 -7.97 -4.60 1.84
N GLY A 22 -8.07 -4.36 3.14
CA GLY A 22 -7.60 -3.11 3.71
C GLY A 22 -8.73 -2.24 4.22
N ASP A 23 -8.68 -1.91 5.51
CA ASP A 23 -9.71 -1.08 6.12
C ASP A 23 -9.72 0.31 5.50
N LYS A 24 -8.56 0.95 5.48
CA LYS A 24 -8.43 2.30 4.92
C LYS A 24 -8.23 2.24 3.40
N PHE A 25 -9.06 2.96 2.67
CA PHE A 25 -8.97 2.99 1.22
C PHE A 25 -8.03 4.10 0.75
N LYS A 26 -7.20 4.59 1.67
CA LYS A 26 -6.24 5.64 1.36
C LYS A 26 -4.84 5.08 1.20
N ARG A 27 -4.07 5.67 0.30
CA ARG A 27 -2.70 5.22 0.06
C ARG A 27 -1.79 5.58 1.23
N PRO A 28 -0.68 4.83 1.38
CA PRO A 28 0.29 5.06 2.45
C PRO A 28 1.07 6.36 2.25
N ILE A 29 0.71 7.12 1.24
CA ILE A 29 1.37 8.38 0.94
C ILE A 29 2.88 8.19 0.80
N GLY A 30 3.27 7.18 0.03
CA GLY A 30 4.69 6.91 -0.17
C GLY A 30 4.96 5.44 -0.46
N SER A 31 4.61 4.58 0.49
CA SER A 31 4.83 3.14 0.33
C SER A 31 4.06 2.61 -0.87
N TRP A 32 4.33 1.37 -1.23
CA TRP A 32 3.65 0.73 -2.37
C TRP A 32 3.06 -0.61 -1.96
N GLU A 33 1.81 -0.85 -2.36
CA GLU A 33 1.13 -2.09 -2.04
C GLU A 33 1.47 -3.18 -3.06
N CYS A 34 2.09 -4.25 -2.58
CA CYS A 34 2.47 -5.36 -3.44
C CYS A 34 1.26 -5.91 -4.19
N SER A 35 1.51 -6.82 -5.14
CA SER A 35 0.44 -7.42 -5.93
C SER A 35 0.38 -8.92 -5.71
N VAL A 36 1.55 -9.54 -5.57
CA VAL A 36 1.62 -10.98 -5.35
C VAL A 36 1.18 -11.35 -3.93
N CYS A 37 1.56 -10.51 -2.97
CA CYS A 37 1.20 -10.75 -1.58
C CYS A 37 0.32 -9.62 -1.04
N CYS A 38 0.39 -8.46 -1.70
CA CYS A 38 -0.40 -7.30 -1.30
C CYS A 38 -0.03 -6.87 0.12
N VAL A 39 1.27 -6.81 0.39
CA VAL A 39 1.76 -6.40 1.71
C VAL A 39 2.43 -5.04 1.65
N SER A 40 2.27 -4.26 2.70
CA SER A 40 2.86 -2.92 2.77
C SER A 40 4.39 -3.01 2.72
N ASN A 41 4.98 -2.18 1.87
CA ASN A 41 6.43 -2.16 1.72
C ASN A 41 6.98 -0.74 1.90
N ASN A 42 8.30 -0.62 1.86
CA ASN A 42 8.95 0.69 2.02
C ASN A 42 9.21 1.33 0.67
N ALA A 43 8.71 2.54 0.49
CA ALA A 43 8.90 3.27 -0.76
C ALA A 43 10.32 3.11 -1.29
N GLU A 44 11.29 3.19 -0.38
CA GLU A 44 12.69 3.05 -0.76
C GLU A 44 12.99 1.63 -1.23
N ASP A 45 12.48 0.66 -0.50
CA ASP A 45 12.69 -0.76 -0.84
C ASP A 45 12.10 -1.06 -2.21
N ASN A 46 12.98 -1.18 -3.21
CA ASN A 46 12.55 -1.49 -4.56
C ASN A 46 11.96 -2.88 -4.66
N LYS A 47 12.21 -3.70 -3.63
CA LYS A 47 11.70 -5.06 -3.60
C LYS A 47 10.90 -5.30 -2.32
N CYS A 48 10.01 -6.29 -2.37
CA CYS A 48 9.18 -6.63 -1.22
C CYS A 48 10.02 -7.24 -0.09
N VAL A 49 9.39 -7.46 1.06
CA VAL A 49 10.08 -8.03 2.20
C VAL A 49 9.45 -9.37 2.61
N SER A 50 8.14 -9.48 2.43
CA SER A 50 7.42 -10.69 2.78
C SER A 50 7.60 -11.75 1.69
N CYS A 51 7.48 -11.33 0.44
CA CYS A 51 7.64 -12.24 -0.69
C CYS A 51 8.91 -11.93 -1.48
N MET A 52 9.46 -10.74 -1.24
CA MET A 52 10.68 -10.32 -1.93
C MET A 52 10.48 -10.33 -3.43
N SER A 53 9.38 -9.75 -3.89
CA SER A 53 9.06 -9.69 -5.31
C SER A 53 9.47 -8.34 -5.90
N GLU A 54 9.91 -8.35 -7.15
CA GLU A 54 10.32 -7.12 -7.83
C GLU A 54 9.17 -6.12 -7.89
N LYS A 55 9.47 -4.87 -7.58
CA LYS A 55 8.46 -3.82 -7.61
C LYS A 55 8.12 -3.42 -9.05
N PRO A 56 6.81 -3.35 -9.35
CA PRO A 56 6.33 -2.99 -10.68
C PRO A 56 6.59 -1.52 -11.02
N GLY A 57 7.14 -1.28 -12.19
CA GLY A 57 7.43 0.08 -12.61
C GLY A 57 8.37 0.80 -11.65
ZN ZN B . 5.13 -8.88 -1.85
N GLY A 1 9.43 -10.63 -23.49
CA GLY A 1 8.25 -11.35 -23.91
C GLY A 1 7.30 -10.49 -24.74
N SER A 2 6.98 -10.96 -25.94
CA SER A 2 6.10 -10.23 -26.83
C SER A 2 4.66 -10.69 -26.67
N SER A 3 4.46 -12.01 -26.71
CA SER A 3 3.13 -12.58 -26.57
C SER A 3 3.20 -14.01 -26.02
N GLY A 4 2.04 -14.58 -25.70
CA GLY A 4 2.00 -15.93 -25.17
C GLY A 4 0.64 -16.29 -24.61
N SER A 5 -0.40 -16.15 -25.42
CA SER A 5 -1.75 -16.46 -24.99
C SER A 5 -2.39 -17.50 -25.90
N SER A 6 -3.15 -18.41 -25.31
CA SER A 6 -3.81 -19.47 -26.06
C SER A 6 -4.92 -18.88 -26.95
N GLY A 7 -5.49 -19.73 -27.79
CA GLY A 7 -6.56 -19.29 -28.68
C GLY A 7 -7.82 -18.95 -27.93
N SER A 8 -7.84 -17.78 -27.30
CA SER A 8 -9.00 -17.32 -26.54
C SER A 8 -9.11 -15.80 -26.56
N SER A 9 -10.29 -15.29 -26.25
CA SER A 9 -10.52 -13.85 -26.23
C SER A 9 -9.87 -13.22 -25.01
N SER A 10 -9.55 -11.93 -25.14
CA SER A 10 -8.91 -11.19 -24.05
C SER A 10 -9.14 -9.69 -24.19
N SER A 11 -9.62 -9.06 -23.12
CA SER A 11 -9.89 -7.63 -23.14
C SER A 11 -9.47 -6.99 -21.82
N CYS A 12 -8.62 -5.98 -21.90
CA CYS A 12 -8.13 -5.28 -20.72
C CYS A 12 -9.08 -4.16 -20.33
N THR A 13 -9.31 -4.01 -19.02
CA THR A 13 -10.20 -2.97 -18.52
C THR A 13 -9.46 -1.66 -18.32
N VAL A 14 -10.14 -0.55 -18.64
CA VAL A 14 -9.53 0.78 -18.50
C VAL A 14 -9.24 1.09 -17.04
N THR A 15 -7.97 1.15 -16.70
CA THR A 15 -7.55 1.44 -15.32
C THR A 15 -7.87 2.90 -14.96
N THR A 16 -8.54 3.08 -13.82
CA THR A 16 -8.90 4.41 -13.36
C THR A 16 -7.85 4.97 -12.41
N GLY A 17 -7.45 6.21 -12.64
CA GLY A 17 -6.45 6.83 -11.79
C GLY A 17 -7.05 7.44 -10.54
N THR A 18 -6.40 7.20 -9.40
CA THR A 18 -6.87 7.73 -8.14
C THR A 18 -6.30 9.11 -7.86
N LEU A 19 -6.90 9.83 -6.91
CA LEU A 19 -6.46 11.16 -6.55
C LEU A 19 -5.96 11.20 -5.11
N GLY A 20 -4.79 11.80 -4.90
CA GLY A 20 -4.23 11.90 -3.57
C GLY A 20 -2.81 12.45 -3.57
N PHE A 21 -2.63 13.61 -4.19
CA PHE A 21 -1.32 14.23 -4.28
C PHE A 21 -1.38 15.68 -3.80
N GLY A 22 -0.40 16.07 -2.98
CA GLY A 22 -0.37 17.42 -2.46
C GLY A 22 -0.05 17.47 -0.98
N ASP A 23 1.13 17.00 -0.60
CA ASP A 23 1.54 16.99 0.80
C ASP A 23 0.48 16.33 1.67
N LYS A 24 -0.11 15.25 1.16
CA LYS A 24 -1.15 14.53 1.89
C LYS A 24 -0.63 13.16 2.34
N PHE A 25 -0.86 12.83 3.61
CA PHE A 25 -0.43 11.55 4.16
C PHE A 25 -1.44 10.46 3.84
N LYS A 26 -2.36 10.75 2.92
CA LYS A 26 -3.39 9.79 2.53
C LYS A 26 -2.78 8.41 2.30
N ARG A 27 -1.68 8.37 1.54
CA ARG A 27 -1.01 7.11 1.23
C ARG A 27 -0.15 6.67 2.42
N PRO A 28 0.08 5.34 2.51
CA PRO A 28 0.89 4.76 3.59
C PRO A 28 2.36 5.12 3.49
N ILE A 29 2.71 6.33 3.91
CA ILE A 29 4.08 6.80 3.86
C ILE A 29 4.67 6.63 2.47
N GLY A 30 3.90 7.01 1.45
CA GLY A 30 4.37 6.88 0.09
C GLY A 30 4.83 5.48 -0.25
N SER A 31 4.23 4.49 0.39
CA SER A 31 4.58 3.10 0.17
C SER A 31 3.87 2.55 -1.07
N TRP A 32 4.13 1.29 -1.38
CA TRP A 32 3.51 0.64 -2.54
C TRP A 32 2.81 -0.65 -2.14
N GLU A 33 1.74 -0.98 -2.85
CA GLU A 33 0.97 -2.18 -2.56
C GLU A 33 1.38 -3.33 -3.49
N CYS A 34 2.03 -4.34 -2.92
CA CYS A 34 2.48 -5.50 -3.70
C CYS A 34 1.33 -6.07 -4.52
N SER A 35 1.66 -7.03 -5.38
CA SER A 35 0.66 -7.66 -6.23
C SER A 35 0.53 -9.16 -5.91
N VAL A 36 1.67 -9.79 -5.62
CA VAL A 36 1.70 -11.20 -5.30
C VAL A 36 1.19 -11.45 -3.89
N CYS A 37 1.62 -10.61 -2.95
CA CYS A 37 1.22 -10.74 -1.55
C CYS A 37 0.40 -9.53 -1.12
N CYS A 38 0.41 -8.49 -1.94
CA CYS A 38 -0.33 -7.26 -1.63
C CYS A 38 0.02 -6.75 -0.25
N VAL A 39 1.31 -6.69 0.05
CA VAL A 39 1.78 -6.22 1.35
C VAL A 39 2.52 -4.90 1.22
N SER A 40 2.41 -4.05 2.24
CA SER A 40 3.07 -2.75 2.24
C SER A 40 4.57 -2.90 2.42
N ASN A 41 5.32 -1.93 1.89
CA ASN A 41 6.77 -1.97 2.00
C ASN A 41 7.35 -0.55 1.89
N ASN A 42 8.65 -0.44 2.13
CA ASN A 42 9.32 0.86 2.07
C ASN A 42 9.41 1.35 0.63
N ALA A 43 8.97 2.58 0.40
CA ALA A 43 9.01 3.18 -0.93
C ALA A 43 10.38 3.01 -1.56
N GLU A 44 11.43 3.38 -0.82
CA GLU A 44 12.79 3.27 -1.31
C GLU A 44 13.11 1.84 -1.74
N ASP A 45 12.71 0.89 -0.91
CA ASP A 45 12.96 -0.53 -1.19
C ASP A 45 12.31 -0.93 -2.51
N ASN A 46 13.13 -1.31 -3.48
CA ASN A 46 12.63 -1.72 -4.79
C ASN A 46 12.22 -3.19 -4.77
N LYS A 47 12.08 -3.75 -3.59
CA LYS A 47 11.68 -5.15 -3.43
C LYS A 47 10.78 -5.32 -2.21
N CYS A 48 10.11 -6.47 -2.14
CA CYS A 48 9.22 -6.77 -1.02
C CYS A 48 10.00 -7.38 0.14
N VAL A 49 9.33 -7.54 1.27
CA VAL A 49 9.94 -8.12 2.45
C VAL A 49 9.25 -9.42 2.86
N SER A 50 7.97 -9.53 2.52
CA SER A 50 7.19 -10.71 2.86
C SER A 50 7.36 -11.80 1.79
N CYS A 51 7.38 -11.38 0.53
CA CYS A 51 7.54 -12.31 -0.58
C CYS A 51 8.85 -12.06 -1.32
N MET A 52 9.46 -10.90 -1.06
CA MET A 52 10.72 -10.54 -1.70
C MET A 52 10.56 -10.52 -3.22
N SER A 53 9.43 -10.02 -3.69
CA SER A 53 9.16 -9.93 -5.12
C SER A 53 9.44 -8.54 -5.65
N GLU A 54 9.84 -8.45 -6.91
CA GLU A 54 10.14 -7.17 -7.54
C GLU A 54 8.99 -6.19 -7.36
N LYS A 55 9.30 -4.90 -7.39
CA LYS A 55 8.29 -3.86 -7.22
C LYS A 55 7.91 -3.26 -8.57
N PRO A 56 6.60 -3.11 -8.80
CA PRO A 56 6.08 -2.54 -10.05
C PRO A 56 6.37 -1.05 -10.18
N GLY A 57 6.62 -0.61 -11.41
CA GLY A 57 6.91 0.80 -11.64
C GLY A 57 8.16 1.00 -12.46
ZN ZN B . 5.12 -8.90 -1.76
N GLY A 1 16.89 19.46 -12.63
CA GLY A 1 16.10 19.39 -11.41
C GLY A 1 15.08 18.26 -11.44
N SER A 2 15.19 17.35 -10.48
CA SER A 2 14.28 16.21 -10.40
C SER A 2 13.11 16.52 -9.49
N SER A 3 12.95 17.80 -9.14
CA SER A 3 11.87 18.23 -8.25
C SER A 3 10.94 19.21 -8.97
N GLY A 4 9.65 19.11 -8.68
CA GLY A 4 8.68 19.97 -9.30
C GLY A 4 8.88 21.43 -8.92
N SER A 5 8.05 21.92 -8.00
CA SER A 5 8.14 23.31 -7.56
C SER A 5 8.60 23.39 -6.11
N SER A 6 9.37 24.43 -5.79
CA SER A 6 9.88 24.61 -4.44
C SER A 6 9.87 26.09 -4.05
N GLY A 7 9.92 26.36 -2.76
CA GLY A 7 9.93 27.73 -2.28
C GLY A 7 10.75 27.91 -1.01
N SER A 8 10.13 28.46 0.03
CA SER A 8 10.82 28.69 1.29
C SER A 8 10.23 27.81 2.39
N SER A 9 11.11 27.08 3.09
CA SER A 9 10.68 26.20 4.16
C SER A 9 9.94 26.97 5.24
N SER A 10 8.77 26.46 5.63
CA SER A 10 7.96 27.11 6.66
C SER A 10 7.23 26.07 7.50
N SER A 11 7.68 25.89 8.73
CA SER A 11 7.08 24.92 9.63
C SER A 11 7.31 25.31 11.09
N CYS A 12 6.24 25.28 11.89
CA CYS A 12 6.33 25.64 13.30
C CYS A 12 6.29 24.39 14.18
N THR A 13 6.89 24.49 15.36
CA THR A 13 6.92 23.37 16.29
C THR A 13 7.09 23.85 17.72
N VAL A 14 6.55 23.08 18.67
CA VAL A 14 6.63 23.44 20.08
C VAL A 14 6.30 24.91 20.30
N THR A 15 5.41 25.44 19.48
CA THR A 15 5.00 26.84 19.57
C THR A 15 4.19 27.07 20.85
N THR A 16 3.04 26.43 20.94
CA THR A 16 2.17 26.58 22.10
C THR A 16 1.35 25.31 22.34
N GLY A 17 1.56 24.69 23.50
CA GLY A 17 0.84 23.47 23.83
C GLY A 17 0.59 22.60 22.62
N THR A 18 1.58 22.51 21.74
CA THR A 18 1.46 21.70 20.54
C THR A 18 2.42 20.51 20.57
N LEU A 19 1.86 19.32 20.74
CA LEU A 19 2.66 18.10 20.80
C LEU A 19 2.22 17.11 19.72
N GLY A 20 3.12 16.82 18.79
CA GLY A 20 2.82 15.89 17.72
C GLY A 20 2.17 16.57 16.52
N PHE A 21 2.99 17.26 15.74
CA PHE A 21 2.49 17.96 14.56
C PHE A 21 2.32 17.00 13.39
N GLY A 22 2.35 15.71 13.69
CA GLY A 22 2.20 14.71 12.64
C GLY A 22 0.88 14.85 11.90
N ASP A 23 0.94 15.36 10.68
CA ASP A 23 -0.26 15.55 9.87
C ASP A 23 -0.64 14.24 9.16
N LYS A 24 -1.77 13.68 9.55
CA LYS A 24 -2.25 12.43 8.95
C LYS A 24 -2.91 12.69 7.60
N PHE A 25 -2.83 11.71 6.71
CA PHE A 25 -3.41 11.83 5.39
C PHE A 25 -4.02 10.51 4.93
N LYS A 26 -5.08 10.60 4.13
CA LYS A 26 -5.75 9.40 3.63
C LYS A 26 -4.76 8.42 3.02
N ARG A 27 -3.89 8.93 2.15
CA ARG A 27 -2.89 8.10 1.50
C ARG A 27 -1.57 8.11 2.28
N PRO A 28 -0.81 7.02 2.18
CA PRO A 28 0.48 6.90 2.87
C PRO A 28 1.54 7.82 2.28
N ILE A 29 2.63 8.00 3.02
CA ILE A 29 3.73 8.86 2.57
C ILE A 29 4.18 8.47 1.16
N GLY A 30 4.40 7.18 0.95
CA GLY A 30 4.83 6.71 -0.35
C GLY A 30 4.93 5.20 -0.42
N SER A 31 3.94 4.52 0.14
CA SER A 31 3.92 3.06 0.16
C SER A 31 3.37 2.52 -1.17
N TRP A 32 3.95 1.43 -1.64
CA TRP A 32 3.53 0.81 -2.88
C TRP A 32 2.94 -0.57 -2.64
N GLU A 33 1.64 -0.72 -2.92
CA GLU A 33 0.97 -1.99 -2.72
C GLU A 33 1.59 -3.09 -3.59
N CYS A 34 2.02 -4.17 -2.94
CA CYS A 34 2.65 -5.27 -3.65
C CYS A 34 1.64 -5.98 -4.56
N SER A 35 2.13 -6.80 -5.48
CA SER A 35 1.27 -7.53 -6.40
C SER A 35 1.22 -9.00 -6.04
N VAL A 36 2.34 -9.54 -5.57
CA VAL A 36 2.42 -10.95 -5.18
C VAL A 36 1.62 -11.21 -3.90
N CYS A 37 2.04 -10.56 -2.81
CA CYS A 37 1.38 -10.73 -1.52
C CYS A 37 0.49 -9.54 -1.22
N CYS A 38 0.78 -8.40 -1.85
CA CYS A 38 0.00 -7.19 -1.66
C CYS A 38 0.15 -6.67 -0.23
N VAL A 39 1.39 -6.63 0.25
CA VAL A 39 1.67 -6.15 1.60
C VAL A 39 2.45 -4.84 1.57
N SER A 40 2.16 -3.97 2.52
CA SER A 40 2.84 -2.68 2.61
C SER A 40 4.35 -2.86 2.67
N ASN A 41 5.07 -1.87 2.15
CA ASN A 41 6.53 -1.93 2.14
C ASN A 41 7.13 -0.51 2.11
N ASN A 42 8.45 -0.44 2.16
CA ASN A 42 9.14 0.84 2.14
C ASN A 42 9.33 1.34 0.71
N ALA A 43 9.02 2.61 0.48
CA ALA A 43 9.17 3.20 -0.84
C ALA A 43 10.56 2.97 -1.41
N GLU A 44 11.58 3.36 -0.63
CA GLU A 44 12.96 3.20 -1.05
C GLU A 44 13.23 1.75 -1.47
N ASP A 45 12.69 0.81 -0.71
CA ASP A 45 12.87 -0.61 -1.00
C ASP A 45 12.35 -0.95 -2.39
N ASN A 46 13.28 -1.29 -3.30
CA ASN A 46 12.92 -1.64 -4.66
C ASN A 46 12.42 -3.08 -4.75
N LYS A 47 12.13 -3.67 -3.59
CA LYS A 47 11.65 -5.05 -3.53
C LYS A 47 10.76 -5.25 -2.31
N CYS A 48 10.09 -6.40 -2.27
CA CYS A 48 9.20 -6.73 -1.15
C CYS A 48 9.96 -7.48 -0.06
N VAL A 49 9.33 -7.61 1.10
CA VAL A 49 9.94 -8.32 2.23
C VAL A 49 9.14 -9.56 2.60
N SER A 50 7.84 -9.51 2.39
CA SER A 50 6.96 -10.63 2.69
C SER A 50 7.14 -11.75 1.68
N CYS A 51 7.21 -11.38 0.41
CA CYS A 51 7.37 -12.36 -0.66
C CYS A 51 8.73 -12.18 -1.36
N MET A 52 9.29 -10.98 -1.24
CA MET A 52 10.58 -10.68 -1.86
C MET A 52 10.47 -10.67 -3.38
N SER A 53 9.36 -10.13 -3.88
CA SER A 53 9.13 -10.06 -5.33
C SER A 53 9.47 -8.67 -5.86
N GLU A 54 9.78 -8.60 -7.15
CA GLU A 54 10.12 -7.33 -7.79
C GLU A 54 9.03 -6.30 -7.56
N LYS A 55 9.44 -5.06 -7.32
CA LYS A 55 8.51 -3.97 -7.08
C LYS A 55 7.91 -3.47 -8.39
N PRO A 56 6.58 -3.21 -8.37
CA PRO A 56 5.86 -2.74 -9.56
C PRO A 56 6.24 -1.30 -9.91
N GLY A 57 5.62 -0.79 -10.98
CA GLY A 57 5.91 0.58 -11.40
C GLY A 57 7.13 0.66 -12.30
ZN ZN B . 5.05 -8.92 -1.66
N GLY A 1 -24.20 17.60 -43.90
CA GLY A 1 -24.89 18.03 -42.70
C GLY A 1 -24.00 18.83 -41.77
N SER A 2 -24.58 19.81 -41.09
CA SER A 2 -23.83 20.66 -40.18
C SER A 2 -23.31 19.85 -38.99
N SER A 3 -22.12 20.21 -38.52
CA SER A 3 -21.50 19.51 -37.40
C SER A 3 -21.82 20.22 -36.08
N GLY A 4 -21.53 21.52 -36.04
CA GLY A 4 -21.79 22.29 -34.83
C GLY A 4 -21.24 21.62 -33.59
N SER A 5 -21.49 22.23 -32.43
CA SER A 5 -21.00 21.70 -31.16
C SER A 5 -22.14 21.58 -30.16
N SER A 6 -22.41 20.36 -29.71
CA SER A 6 -23.48 20.12 -28.74
C SER A 6 -23.21 18.85 -27.94
N GLY A 7 -23.94 18.68 -26.84
CA GLY A 7 -23.75 17.51 -26.00
C GLY A 7 -23.74 17.85 -24.53
N SER A 8 -24.83 17.52 -23.84
CA SER A 8 -24.95 17.80 -22.41
C SER A 8 -24.79 16.52 -21.60
N SER A 9 -24.30 16.66 -20.37
CA SER A 9 -24.11 15.52 -19.48
C SER A 9 -24.39 15.90 -18.04
N SER A 10 -24.38 14.90 -17.16
CA SER A 10 -24.63 15.12 -15.74
C SER A 10 -23.57 14.43 -14.88
N SER A 11 -23.29 15.02 -13.72
CA SER A 11 -22.30 14.46 -12.80
C SER A 11 -22.80 14.51 -11.37
N CYS A 12 -22.45 13.49 -10.59
CA CYS A 12 -22.86 13.42 -9.19
C CYS A 12 -21.96 14.29 -8.31
N THR A 13 -22.57 15.01 -7.39
CA THR A 13 -21.83 15.88 -6.49
C THR A 13 -21.37 15.14 -5.25
N VAL A 14 -20.07 14.86 -5.17
CA VAL A 14 -19.51 14.14 -4.03
C VAL A 14 -19.27 15.08 -2.86
N THR A 15 -19.07 14.51 -1.68
CA THR A 15 -18.83 15.29 -0.47
C THR A 15 -17.42 15.88 -0.48
N THR A 16 -17.34 17.21 -0.35
CA THR A 16 -16.07 17.90 -0.34
C THR A 16 -15.41 17.82 1.04
N GLY A 17 -16.20 18.06 2.08
CA GLY A 17 -15.67 18.01 3.43
C GLY A 17 -16.63 17.34 4.40
N THR A 18 -17.01 18.07 5.45
CA THR A 18 -17.92 17.54 6.46
C THR A 18 -17.50 16.15 6.90
N LEU A 19 -16.20 15.90 6.91
CA LEU A 19 -15.67 14.60 7.31
C LEU A 19 -14.19 14.72 7.68
N GLY A 20 -13.69 13.76 8.46
CA GLY A 20 -12.30 13.76 8.86
C GLY A 20 -12.10 14.38 10.23
N PHE A 21 -11.06 15.20 10.35
CA PHE A 21 -10.75 15.86 11.61
C PHE A 21 -10.52 14.84 12.72
N GLY A 22 -9.80 13.76 12.38
CA GLY A 22 -9.52 12.72 13.36
C GLY A 22 -9.70 11.33 12.79
N ASP A 23 -8.61 10.58 12.71
CA ASP A 23 -8.66 9.22 12.18
C ASP A 23 -7.64 8.33 12.89
N LYS A 24 -8.13 7.21 13.43
CA LYS A 24 -7.28 6.27 14.14
C LYS A 24 -6.49 5.41 13.15
N PHE A 25 -7.21 4.66 12.32
CA PHE A 25 -6.58 3.80 11.34
C PHE A 25 -5.71 4.59 10.37
N LYS A 26 -4.41 4.35 10.41
CA LYS A 26 -3.47 5.04 9.55
C LYS A 26 -2.61 4.06 8.77
N ARG A 27 -2.29 4.41 7.53
CA ARG A 27 -1.48 3.55 6.67
C ARG A 27 -0.40 4.36 5.95
N PRO A 28 0.66 3.67 5.52
CA PRO A 28 1.79 4.30 4.83
C PRO A 28 1.41 4.79 3.43
N ILE A 29 1.00 6.04 3.33
CA ILE A 29 0.60 6.62 2.05
C ILE A 29 1.76 6.61 1.07
N GLY A 30 2.93 7.07 1.52
CA GLY A 30 4.10 7.09 0.66
C GLY A 30 4.75 5.73 0.53
N SER A 31 3.98 4.74 0.10
CA SER A 31 4.50 3.39 -0.05
C SER A 31 3.94 2.74 -1.32
N TRP A 32 4.40 1.53 -1.61
CA TRP A 32 3.95 0.81 -2.79
C TRP A 32 3.43 -0.58 -2.41
N GLU A 33 2.13 -0.78 -2.61
CA GLU A 33 1.50 -2.05 -2.29
C GLU A 33 1.94 -3.14 -3.26
N CYS A 34 2.08 -4.36 -2.76
CA CYS A 34 2.49 -5.49 -3.59
C CYS A 34 1.32 -6.03 -4.40
N SER A 35 1.61 -6.98 -5.29
CA SER A 35 0.59 -7.58 -6.14
C SER A 35 0.44 -9.06 -5.85
N VAL A 36 1.57 -9.72 -5.57
CA VAL A 36 1.57 -11.15 -5.29
C VAL A 36 1.07 -11.43 -3.88
N CYS A 37 1.52 -10.61 -2.92
CA CYS A 37 1.11 -10.77 -1.54
C CYS A 37 0.34 -9.54 -1.05
N CYS A 38 0.38 -8.48 -1.84
CA CYS A 38 -0.31 -7.25 -1.50
C CYS A 38 0.09 -6.76 -0.10
N VAL A 39 1.39 -6.74 0.16
CA VAL A 39 1.89 -6.30 1.44
C VAL A 39 2.58 -4.95 1.34
N SER A 40 2.40 -4.11 2.36
CA SER A 40 3.01 -2.78 2.38
C SER A 40 4.53 -2.88 2.46
N ASN A 41 5.21 -1.88 1.92
CA ASN A 41 6.67 -1.85 1.93
C ASN A 41 7.18 -0.41 1.88
N ASN A 42 8.47 -0.24 2.12
CA ASN A 42 9.09 1.08 2.10
C ASN A 42 9.14 1.63 0.68
N ALA A 43 9.17 2.96 0.57
CA ALA A 43 9.23 3.62 -0.73
C ALA A 43 10.59 3.41 -1.39
N GLU A 44 11.64 3.36 -0.57
CA GLU A 44 12.99 3.16 -1.07
C GLU A 44 13.22 1.71 -1.49
N ASP A 45 12.72 0.79 -0.68
CA ASP A 45 12.86 -0.64 -0.96
C ASP A 45 12.21 -1.01 -2.28
N ASN A 46 13.04 -1.26 -3.30
CA ASN A 46 12.53 -1.62 -4.61
C ASN A 46 12.12 -3.08 -4.66
N LYS A 47 12.04 -3.71 -3.49
CA LYS A 47 11.65 -5.11 -3.39
C LYS A 47 10.79 -5.35 -2.17
N CYS A 48 9.95 -6.38 -2.23
CA CYS A 48 9.06 -6.71 -1.12
C CYS A 48 9.83 -7.41 0.00
N VAL A 49 9.18 -7.61 1.13
CA VAL A 49 9.80 -8.27 2.28
C VAL A 49 9.10 -9.58 2.61
N SER A 50 7.80 -9.64 2.35
CA SER A 50 7.01 -10.83 2.62
C SER A 50 7.25 -11.89 1.55
N CYS A 51 7.28 -11.46 0.29
CA CYS A 51 7.50 -12.37 -0.82
C CYS A 51 8.86 -12.10 -1.49
N MET A 52 9.52 -11.03 -1.06
CA MET A 52 10.81 -10.66 -1.60
C MET A 52 10.76 -10.60 -3.13
N SER A 53 9.61 -10.21 -3.66
CA SER A 53 9.42 -10.11 -5.10
C SER A 53 9.83 -8.72 -5.60
N GLU A 54 10.00 -8.61 -6.91
CA GLU A 54 10.39 -7.33 -7.52
C GLU A 54 9.20 -6.38 -7.60
N LYS A 55 9.46 -5.11 -7.36
CA LYS A 55 8.41 -4.09 -7.42
C LYS A 55 8.21 -3.58 -8.84
N PRO A 56 6.93 -3.41 -9.22
CA PRO A 56 6.58 -2.92 -10.56
C PRO A 56 6.95 -1.46 -10.77
N GLY A 57 6.59 -0.91 -11.94
CA GLY A 57 6.90 0.46 -12.23
C GLY A 57 5.65 1.33 -12.34
ZN ZN B . 5.02 -8.98 -1.75
N GLY A 1 1.25 8.41 10.16
CA GLY A 1 0.43 9.31 10.95
C GLY A 1 -0.24 8.62 12.11
N SER A 2 -0.18 9.23 13.29
CA SER A 2 -0.78 8.65 14.49
C SER A 2 -1.97 9.48 14.94
N SER A 3 -3.06 8.80 15.30
CA SER A 3 -4.26 9.47 15.75
C SER A 3 -4.53 9.17 17.22
N GLY A 4 -5.33 10.01 17.86
CA GLY A 4 -5.66 9.83 19.26
C GLY A 4 -6.02 11.13 19.95
N SER A 5 -5.24 12.17 19.69
CA SER A 5 -5.48 13.48 20.30
C SER A 5 -6.85 14.01 19.93
N SER A 6 -7.29 15.06 20.62
CA SER A 6 -8.58 15.66 20.36
C SER A 6 -8.54 16.56 19.12
N GLY A 7 -9.55 16.44 18.28
CA GLY A 7 -9.61 17.24 17.07
C GLY A 7 -9.83 18.71 17.36
N SER A 8 -10.41 19.42 16.40
CA SER A 8 -10.67 20.85 16.56
C SER A 8 -11.94 21.26 15.81
N SER A 9 -12.48 22.42 16.17
CA SER A 9 -13.69 22.92 15.53
C SER A 9 -13.36 23.74 14.29
N SER A 10 -14.03 23.43 13.20
CA SER A 10 -13.81 24.12 11.94
C SER A 10 -15.11 24.64 11.34
N SER A 11 -15.02 25.33 10.22
CA SER A 11 -16.20 25.88 9.56
C SER A 11 -17.16 24.76 9.15
N CYS A 12 -18.35 25.15 8.69
CA CYS A 12 -19.36 24.19 8.27
C CYS A 12 -18.83 23.33 7.12
N THR A 13 -18.97 22.02 7.26
CA THR A 13 -18.51 21.08 6.23
C THR A 13 -19.68 20.53 5.42
N VAL A 14 -19.48 20.42 4.11
CA VAL A 14 -20.51 19.91 3.22
C VAL A 14 -20.95 18.51 3.63
N THR A 15 -22.01 18.01 2.99
CA THR A 15 -22.52 16.68 3.29
C THR A 15 -21.86 15.62 2.42
N THR A 16 -21.41 14.54 3.04
CA THR A 16 -20.76 13.45 2.32
C THR A 16 -21.09 12.10 2.94
N GLY A 17 -21.25 11.09 2.09
CA GLY A 17 -21.57 9.76 2.58
C GLY A 17 -20.90 9.45 3.91
N THR A 18 -19.57 9.52 3.94
CA THR A 18 -18.82 9.25 5.15
C THR A 18 -18.55 10.53 5.92
N LEU A 19 -18.88 10.51 7.21
CA LEU A 19 -18.68 11.67 8.07
C LEU A 19 -17.43 11.51 8.92
N GLY A 20 -16.56 12.51 8.89
CA GLY A 20 -15.33 12.46 9.65
C GLY A 20 -14.10 12.19 8.79
N PHE A 21 -14.24 11.26 7.85
CA PHE A 21 -13.14 10.92 6.96
C PHE A 21 -13.10 11.87 5.76
N GLY A 22 -11.92 12.43 5.50
CA GLY A 22 -11.77 13.36 4.39
C GLY A 22 -10.59 14.28 4.57
N ASP A 23 -9.39 13.72 4.61
CA ASP A 23 -8.17 14.51 4.78
C ASP A 23 -6.98 13.80 4.14
N LYS A 24 -6.03 14.60 3.65
CA LYS A 24 -4.84 14.06 3.00
C LYS A 24 -3.82 13.61 4.05
N PHE A 25 -4.25 13.53 5.30
CA PHE A 25 -3.37 13.12 6.38
C PHE A 25 -3.45 11.61 6.61
N LYS A 26 -4.67 11.09 6.64
CA LYS A 26 -4.88 9.66 6.84
C LYS A 26 -3.99 8.84 5.91
N ARG A 27 -3.96 9.21 4.63
CA ARG A 27 -3.14 8.52 3.64
C ARG A 27 -1.68 8.46 4.08
N PRO A 28 -0.94 7.48 3.56
CA PRO A 28 0.48 7.30 3.88
C PRO A 28 1.35 8.41 3.29
N ILE A 29 2.65 8.27 3.45
CA ILE A 29 3.60 9.26 2.94
C ILE A 29 4.13 8.84 1.57
N GLY A 30 4.45 7.56 1.42
CA GLY A 30 4.96 7.06 0.16
C GLY A 30 5.31 5.59 0.22
N SER A 31 4.45 4.75 -0.34
CA SER A 31 4.68 3.31 -0.34
C SER A 31 4.04 2.66 -1.57
N TRP A 32 4.23 1.36 -1.70
CA TRP A 32 3.67 0.61 -2.83
C TRP A 32 3.03 -0.69 -2.37
N GLU A 33 1.81 -0.94 -2.82
CA GLU A 33 1.09 -2.15 -2.45
C GLU A 33 1.44 -3.30 -3.40
N CYS A 34 2.10 -4.32 -2.87
CA CYS A 34 2.49 -5.49 -3.66
C CYS A 34 1.29 -6.07 -4.40
N SER A 35 1.55 -7.01 -5.29
CA SER A 35 0.49 -7.65 -6.07
C SER A 35 0.40 -9.14 -5.75
N VAL A 36 1.56 -9.76 -5.54
CA VAL A 36 1.62 -11.18 -5.24
C VAL A 36 1.16 -11.46 -3.82
N CYS A 37 1.63 -10.65 -2.88
CA CYS A 37 1.26 -10.80 -1.47
C CYS A 37 0.42 -9.62 -1.00
N CYS A 38 0.44 -8.53 -1.77
CA CYS A 38 -0.33 -7.34 -1.43
C CYS A 38 0.02 -6.86 -0.01
N VAL A 39 1.31 -6.79 0.28
CA VAL A 39 1.77 -6.35 1.59
C VAL A 39 2.43 -4.97 1.51
N SER A 40 2.19 -4.16 2.53
CA SER A 40 2.76 -2.81 2.58
C SER A 40 4.28 -2.86 2.55
N ASN A 41 4.88 -2.00 1.74
CA ASN A 41 6.33 -1.94 1.62
C ASN A 41 6.84 -0.50 1.72
N ASN A 42 8.15 -0.34 1.67
CA ASN A 42 8.76 0.98 1.75
C ASN A 42 9.18 1.48 0.38
N ALA A 43 8.59 2.59 -0.06
CA ALA A 43 8.91 3.16 -1.37
C ALA A 43 10.39 3.01 -1.68
N GLU A 44 11.23 3.05 -0.65
CA GLU A 44 12.66 2.91 -0.83
C GLU A 44 13.03 1.50 -1.26
N ASP A 45 12.48 0.51 -0.56
CA ASP A 45 12.75 -0.89 -0.87
C ASP A 45 12.29 -1.22 -2.28
N ASN A 46 13.24 -1.45 -3.18
CA ASN A 46 12.94 -1.77 -4.57
C ASN A 46 12.26 -3.13 -4.66
N LYS A 47 12.39 -3.93 -3.61
CA LYS A 47 11.78 -5.26 -3.57
C LYS A 47 10.92 -5.42 -2.32
N CYS A 48 10.10 -6.46 -2.31
CA CYS A 48 9.22 -6.74 -1.18
C CYS A 48 10.02 -7.36 -0.02
N VAL A 49 9.34 -7.57 1.10
CA VAL A 49 9.98 -8.15 2.28
C VAL A 49 9.36 -9.48 2.64
N SER A 50 8.05 -9.60 2.44
CA SER A 50 7.33 -10.83 2.74
C SER A 50 7.52 -11.85 1.64
N CYS A 51 7.49 -11.39 0.39
CA CYS A 51 7.65 -12.27 -0.75
C CYS A 51 8.94 -11.95 -1.51
N MET A 52 9.54 -10.81 -1.19
CA MET A 52 10.78 -10.39 -1.83
C MET A 52 10.62 -10.34 -3.34
N SER A 53 9.53 -9.72 -3.80
CA SER A 53 9.26 -9.62 -5.22
C SER A 53 9.61 -8.22 -5.75
N GLU A 54 10.04 -8.16 -7.01
CA GLU A 54 10.41 -6.89 -7.62
C GLU A 54 9.24 -5.89 -7.54
N LYS A 55 9.56 -4.67 -7.12
CA LYS A 55 8.54 -3.62 -7.01
C LYS A 55 8.04 -3.20 -8.38
N PRO A 56 6.71 -3.11 -8.52
CA PRO A 56 6.07 -2.71 -9.78
C PRO A 56 6.30 -1.24 -10.11
N GLY A 57 6.19 -0.90 -11.38
CA GLY A 57 6.39 0.48 -11.80
C GLY A 57 7.85 0.90 -11.73
ZN ZN B . 5.12 -8.89 -1.84
N GLY A 1 4.54 13.63 -24.61
CA GLY A 1 4.36 12.22 -24.31
C GLY A 1 3.65 12.00 -22.98
N SER A 2 3.14 10.78 -22.78
CA SER A 2 2.44 10.45 -21.55
C SER A 2 3.01 9.18 -20.93
N SER A 3 3.19 9.21 -19.62
CA SER A 3 3.73 8.06 -18.89
C SER A 3 3.25 8.05 -17.44
N GLY A 4 3.01 6.86 -16.91
CA GLY A 4 2.55 6.73 -15.54
C GLY A 4 1.79 5.44 -15.31
N SER A 5 0.83 5.47 -14.39
CA SER A 5 0.04 4.30 -14.06
C SER A 5 -1.22 4.23 -14.93
N SER A 6 -1.31 3.18 -15.73
CA SER A 6 -2.46 3.00 -16.62
C SER A 6 -3.75 3.39 -15.92
N GLY A 7 -3.95 2.86 -14.71
CA GLY A 7 -5.14 3.17 -13.95
C GLY A 7 -6.30 2.25 -14.31
N SER A 8 -6.04 0.95 -14.37
CA SER A 8 -7.06 -0.03 -14.72
C SER A 8 -8.10 -0.13 -13.60
N SER A 9 -9.37 0.02 -13.96
CA SER A 9 -10.45 -0.05 -12.99
C SER A 9 -11.15 -1.42 -13.05
N SER A 10 -11.34 -2.02 -11.88
CA SER A 10 -11.97 -3.33 -11.81
C SER A 10 -13.50 -3.20 -11.90
N SER A 11 -14.14 -4.25 -12.38
CA SER A 11 -15.60 -4.25 -12.53
C SER A 11 -16.26 -4.88 -11.31
N CYS A 12 -15.80 -6.06 -10.93
CA CYS A 12 -16.34 -6.77 -9.78
C CYS A 12 -16.23 -5.92 -8.52
N THR A 13 -17.08 -6.22 -7.54
CA THR A 13 -17.08 -5.48 -6.28
C THR A 13 -17.04 -6.43 -5.08
N VAL A 14 -16.10 -6.19 -4.18
CA VAL A 14 -15.95 -7.01 -3.00
C VAL A 14 -17.20 -6.96 -2.12
N THR A 15 -17.79 -8.13 -1.89
CA THR A 15 -19.00 -8.22 -1.07
C THR A 15 -18.75 -9.06 0.18
N THR A 16 -17.95 -10.10 0.04
CA THR A 16 -17.64 -10.99 1.16
C THR A 16 -17.36 -10.18 2.43
N GLY A 17 -16.65 -9.08 2.28
CA GLY A 17 -16.33 -8.24 3.42
C GLY A 17 -17.52 -8.03 4.34
N THR A 18 -18.35 -7.05 4.02
CA THR A 18 -19.53 -6.76 4.82
C THR A 18 -19.20 -6.81 6.31
N LEU A 19 -17.98 -6.44 6.66
CA LEU A 19 -17.53 -6.45 8.05
C LEU A 19 -18.39 -5.52 8.89
N GLY A 20 -18.79 -4.40 8.30
CA GLY A 20 -19.62 -3.44 9.01
C GLY A 20 -19.08 -2.03 8.91
N PHE A 21 -19.44 -1.18 9.87
CA PHE A 21 -18.99 0.21 9.88
C PHE A 21 -17.88 0.41 10.91
N GLY A 22 -16.73 0.89 10.44
CA GLY A 22 -15.60 1.12 11.33
C GLY A 22 -14.50 1.90 10.67
N ASP A 23 -13.36 1.25 10.45
CA ASP A 23 -12.21 1.90 9.83
C ASP A 23 -12.46 2.11 8.34
N LYS A 24 -11.54 2.82 7.68
CA LYS A 24 -11.67 3.09 6.25
C LYS A 24 -10.39 2.69 5.52
N PHE A 25 -10.55 2.07 4.36
CA PHE A 25 -9.41 1.64 3.55
C PHE A 25 -9.01 2.71 2.56
N LYS A 26 -7.88 3.36 2.82
CA LYS A 26 -7.38 4.43 1.94
C LYS A 26 -6.02 4.05 1.37
N ARG A 27 -5.62 4.75 0.31
CA ARG A 27 -4.34 4.48 -0.34
C ARG A 27 -3.18 4.94 0.55
N PRO A 28 -2.09 4.16 0.55
CA PRO A 28 -0.90 4.45 1.35
C PRO A 28 -0.14 5.66 0.83
N ILE A 29 0.48 6.40 1.73
CA ILE A 29 1.25 7.59 1.36
C ILE A 29 2.72 7.24 1.11
N GLY A 30 3.10 7.23 -0.16
CA GLY A 30 4.47 6.91 -0.51
C GLY A 30 4.72 5.41 -0.62
N SER A 31 4.35 4.68 0.42
CA SER A 31 4.54 3.23 0.44
C SER A 31 3.89 2.58 -0.78
N TRP A 32 4.54 1.57 -1.33
CA TRP A 32 4.03 0.86 -2.49
C TRP A 32 3.52 -0.52 -2.11
N GLU A 33 2.25 -0.79 -2.40
CA GLU A 33 1.65 -2.08 -2.09
C GLU A 33 2.08 -3.14 -3.09
N CYS A 34 2.17 -4.38 -2.62
CA CYS A 34 2.58 -5.49 -3.48
C CYS A 34 1.40 -6.00 -4.30
N SER A 35 1.68 -6.93 -5.22
CA SER A 35 0.65 -7.50 -6.07
C SER A 35 0.50 -8.99 -5.81
N VAL A 36 1.62 -9.66 -5.56
CA VAL A 36 1.61 -11.09 -5.30
C VAL A 36 1.11 -11.39 -3.90
N CYS A 37 1.57 -10.61 -2.93
CA CYS A 37 1.16 -10.79 -1.54
C CYS A 37 0.34 -9.60 -1.05
N CYS A 38 0.39 -8.51 -1.80
CA CYS A 38 -0.34 -7.29 -1.45
C CYS A 38 0.05 -6.80 -0.05
N VAL A 39 1.36 -6.74 0.20
CA VAL A 39 1.87 -6.29 1.49
C VAL A 39 2.61 -4.97 1.35
N SER A 40 2.39 -4.07 2.31
CA SER A 40 3.04 -2.77 2.31
C SER A 40 4.55 -2.90 2.53
N ASN A 41 5.31 -1.93 2.04
CA ASN A 41 6.75 -1.94 2.19
C ASN A 41 7.32 -0.52 2.13
N ASN A 42 8.61 -0.38 2.43
CA ASN A 42 9.27 0.91 2.41
C ASN A 42 9.29 1.48 0.99
N ALA A 43 8.85 2.73 0.86
CA ALA A 43 8.83 3.39 -0.44
C ALA A 43 10.16 3.23 -1.16
N GLU A 44 11.25 3.39 -0.42
CA GLU A 44 12.58 3.28 -0.99
C GLU A 44 12.86 1.85 -1.46
N ASP A 45 12.52 0.89 -0.61
CA ASP A 45 12.72 -0.52 -0.94
C ASP A 45 12.00 -0.88 -2.24
N ASN A 46 12.78 -1.12 -3.29
CA ASN A 46 12.22 -1.47 -4.59
C ASN A 46 11.85 -2.95 -4.64
N LYS A 47 11.86 -3.59 -3.48
CA LYS A 47 11.52 -5.01 -3.38
C LYS A 47 10.68 -5.29 -2.15
N CYS A 48 10.02 -6.45 -2.13
CA CYS A 48 9.18 -6.84 -1.00
C CYS A 48 10.00 -7.54 0.07
N VAL A 49 9.38 -7.77 1.23
CA VAL A 49 10.05 -8.44 2.34
C VAL A 49 9.39 -9.76 2.67
N SER A 50 8.07 -9.82 2.50
CA SER A 50 7.31 -11.04 2.79
C SER A 50 7.48 -12.05 1.66
N CYS A 51 7.41 -11.57 0.42
CA CYS A 51 7.57 -12.44 -0.74
C CYS A 51 8.84 -12.10 -1.51
N MET A 52 9.38 -10.91 -1.26
CA MET A 52 10.59 -10.47 -1.93
C MET A 52 10.41 -10.47 -3.44
N SER A 53 9.31 -9.88 -3.89
CA SER A 53 9.00 -9.81 -5.32
C SER A 53 9.31 -8.42 -5.88
N GLU A 54 9.83 -8.39 -7.10
CA GLU A 54 10.16 -7.12 -7.74
C GLU A 54 8.97 -6.17 -7.76
N LYS A 55 9.24 -4.88 -7.59
CA LYS A 55 8.18 -3.88 -7.59
C LYS A 55 7.89 -3.39 -9.01
N PRO A 56 6.60 -3.29 -9.34
CA PRO A 56 6.15 -2.84 -10.66
C PRO A 56 6.43 -1.36 -10.90
N GLY A 57 6.91 -1.04 -12.09
CA GLY A 57 7.21 0.34 -12.42
C GLY A 57 8.70 0.62 -12.46
ZN ZN B . 5.11 -9.01 -1.72
#